data_3HZG
#
_entry.id   3HZG
#
_cell.length_a   78.553
_cell.length_b   86.594
_cell.length_c   162.487
_cell.angle_alpha   90.00
_cell.angle_beta   90.00
_cell.angle_gamma   90.00
#
_symmetry.space_group_name_H-M   'P 21 21 21'
#
loop_
_entity.id
_entity.type
_entity.pdbx_description
1 polymer 'Thymidylate synthase thyX'
2 non-polymer 'PHOSPHATE ION'
3 non-polymer 'FLAVIN-ADENINE DINUCLEOTIDE'
4 non-polymer GLYCEROL
5 water water
#
_entity_poly.entity_id   1
_entity_poly.type   'polypeptide(L)'
_entity_poly.pdbx_seq_one_letter_code
;MAETAPLRVQLIAKTDFLAPPDVPWTTDADGGPALVEFAGRACYQSWSKPNPKTATNAGYLRHIIDVGHFSVLEHASVSF
YITGISRSCTHELIRHRHFSYSQLSQRYVPEKDSRVVVPPGMEDDADLRHILTEAADAARATYSELLAKLEAKFADQPNA
ILRRKQARQAARAVLPNATETRIVVTGNYRAWRHFIAMRASEHADVEIRRLAIECLRQLAAVAPAVFADFEVTTLADGTE
VATSPLATEALEHHHHHH
;
_entity_poly.pdbx_strand_id   A,B,C,D
#
# COMPACT_ATOMS: atom_id res chain seq x y z
N ALA A 2 36.88 -5.14 -10.27
CA ALA A 2 38.27 -4.93 -9.76
C ALA A 2 38.29 -4.39 -8.33
N GLU A 3 37.48 -3.39 -8.01
CA GLU A 3 37.33 -3.01 -6.60
C GLU A 3 36.05 -3.66 -6.06
N THR A 4 36.15 -4.37 -4.95
CA THR A 4 35.00 -5.09 -4.38
C THR A 4 34.38 -4.30 -3.23
N ALA A 5 33.05 -4.41 -3.10
CA ALA A 5 32.28 -3.62 -2.13
C ALA A 5 31.85 -4.44 -0.90
N PRO A 6 32.23 -3.98 0.29
CA PRO A 6 31.74 -4.60 1.52
C PRO A 6 30.40 -4.00 2.01
N LEU A 7 29.51 -4.86 2.52
CA LEU A 7 28.26 -4.41 3.14
C LEU A 7 28.52 -3.39 4.22
N ARG A 8 27.92 -2.21 4.10
CA ARG A 8 27.94 -1.19 5.14
C ARG A 8 26.49 -0.68 5.27
N VAL A 9 26.02 -0.51 6.51
CA VAL A 9 24.64 -0.15 6.81
C VAL A 9 24.63 0.96 7.86
N GLN A 10 24.25 2.18 7.44
CA GLN A 10 24.25 3.35 8.32
C GLN A 10 22.83 3.85 8.66
N LEU A 11 22.49 3.77 9.95
CA LEU A 11 21.28 4.28 10.50
C LEU A 11 21.32 5.77 10.27
N ILE A 12 20.47 6.27 9.39
CA ILE A 12 20.46 7.70 9.18
C ILE A 12 19.24 8.43 9.70
N ALA A 13 18.23 7.71 10.19
CA ALA A 13 17.03 8.38 10.73
C ALA A 13 16.21 7.51 11.65
N LYS A 14 15.57 8.15 12.61
CA LYS A 14 14.71 7.47 13.55
C LYS A 14 13.72 8.47 14.08
N THR A 15 12.81 7.95 14.88
CA THR A 15 11.67 8.69 15.35
C THR A 15 12.03 9.50 16.58
N ASP A 16 11.68 10.78 16.53
CA ASP A 16 11.73 11.72 17.63
C ASP A 16 10.31 11.87 18.25
N PHE A 17 10.12 11.44 19.51
CA PHE A 17 8.83 11.55 20.20
C PHE A 17 8.65 12.77 21.15
N LEU A 18 7.43 13.32 21.19
CA LEU A 18 7.09 14.50 21.99
C LEU A 18 5.71 14.27 22.65
N ALA A 19 5.70 13.69 23.86
CA ALA A 19 4.43 13.31 24.51
C ALA A 19 3.55 14.53 24.61
N PRO A 20 2.26 14.38 24.35
CA PRO A 20 1.42 15.57 24.46
C PRO A 20 1.22 15.98 25.95
N PRO A 21 1.29 17.29 26.26
CA PRO A 21 1.40 17.73 27.66
C PRO A 21 0.25 17.27 28.59
N ASP A 22 -0.99 17.47 28.15
CA ASP A 22 -2.18 17.23 28.97
C ASP A 22 -2.63 15.79 28.91
N VAL A 23 -1.71 14.84 28.86
CA VAL A 23 -2.09 13.44 28.96
C VAL A 23 -1.26 12.79 30.04
N PRO A 24 -1.94 12.24 31.07
CA PRO A 24 -1.26 11.84 32.30
C PRO A 24 -0.66 10.46 32.11
N TRP A 25 0.52 10.44 31.52
CA TRP A 25 1.24 9.22 31.28
C TRP A 25 2.69 9.58 31.09
N THR A 26 3.60 8.76 31.58
CA THR A 26 5.03 8.94 31.27
C THR A 26 5.47 7.55 31.01
N THR A 27 6.72 7.35 30.57
CA THR A 27 7.23 5.97 30.39
C THR A 27 8.74 6.00 30.47
N ASP A 28 9.36 4.83 30.59
CA ASP A 28 10.83 4.72 30.72
C ASP A 28 11.41 4.51 29.33
N ALA A 29 11.18 5.49 28.46
CA ALA A 29 11.61 5.36 27.06
C ALA A 29 11.34 6.66 26.35
N ASP A 30 11.98 6.85 25.22
CA ASP A 30 11.56 7.91 24.33
C ASP A 30 11.63 7.39 22.90
N GLY A 31 11.68 8.32 21.94
CA GLY A 31 11.68 7.96 20.54
C GLY A 31 10.56 7.03 20.10
N GLY A 32 10.86 6.26 19.07
CA GLY A 32 9.95 5.26 18.57
C GLY A 32 9.24 4.40 19.60
N PRO A 33 10.03 3.77 20.48
CA PRO A 33 9.37 2.80 21.36
C PRO A 33 8.44 3.49 22.34
N ALA A 34 8.72 4.73 22.69
CA ALA A 34 7.77 5.56 23.47
C ALA A 34 6.47 5.90 22.68
N LEU A 35 6.64 6.18 21.38
CA LEU A 35 5.55 6.53 20.50
C LEU A 35 4.60 5.35 20.42
N VAL A 36 5.14 4.16 20.22
CA VAL A 36 4.35 2.96 20.05
C VAL A 36 3.53 2.60 21.27
N GLU A 37 4.11 2.75 22.46
CA GLU A 37 3.36 2.57 23.69
C GLU A 37 2.22 3.58 23.76
N PHE A 38 2.52 4.84 23.48
CA PHE A 38 1.48 5.86 23.52
C PHE A 38 0.36 5.46 22.53
N ALA A 39 0.72 5.19 21.29
CA ALA A 39 -0.28 4.75 20.29
C ALA A 39 -1.20 3.67 20.86
N GLY A 40 -0.63 2.68 21.50
CA GLY A 40 -1.40 1.55 21.99
C GLY A 40 -2.29 1.91 23.16
N ARG A 41 -1.79 2.78 24.02
CA ARG A 41 -2.56 3.22 25.16
C ARG A 41 -3.75 4.05 24.70
N ALA A 42 -3.53 4.85 23.65
CA ALA A 42 -4.53 5.75 23.09
C ALA A 42 -5.75 4.98 22.62
N CYS A 43 -5.56 3.73 22.24
CA CYS A 43 -6.67 2.88 21.82
C CYS A 43 -7.67 2.61 22.95
N TYR A 44 -7.14 2.45 24.17
CA TYR A 44 -7.94 2.08 25.35
C TYR A 44 -8.09 3.28 26.30
N GLN A 45 -7.57 4.43 25.92
CA GLN A 45 -7.47 5.57 26.81
C GLN A 45 -7.08 5.14 28.25
N SER A 46 -6.05 4.29 28.34
CA SER A 46 -5.55 3.74 29.60
C SER A 46 -4.13 4.21 29.87
N TRP A 47 -3.97 5.21 30.71
CA TRP A 47 -2.66 5.80 30.94
C TRP A 47 -1.95 5.35 32.23
N SER A 48 -2.57 4.44 32.97
CA SER A 48 -2.06 4.02 34.26
C SER A 48 -1.36 2.67 34.17
N LYS A 49 -0.75 2.27 35.28
CA LYS A 49 0.21 1.17 35.31
C LYS A 49 -0.04 0.21 36.52
N PRO A 50 -1.22 -0.44 36.55
CA PRO A 50 -1.58 -1.37 37.65
C PRO A 50 -0.81 -2.70 37.64
N ASN A 51 -0.19 -3.00 36.50
CA ASN A 51 0.40 -4.30 36.22
C ASN A 51 1.92 -4.17 36.04
N PRO A 52 2.71 -4.73 36.98
CA PRO A 52 4.18 -4.60 36.87
C PRO A 52 4.77 -5.27 35.63
N LYS A 53 4.02 -6.20 35.03
CA LYS A 53 4.46 -6.85 33.77
C LYS A 53 4.59 -5.78 32.65
N THR A 54 3.56 -4.95 32.54
CA THR A 54 3.46 -3.94 31.49
C THR A 54 3.64 -2.47 31.95
N ALA A 55 4.22 -2.27 33.14
CA ALA A 55 4.44 -0.92 33.72
C ALA A 55 5.68 -0.22 33.16
N THR A 56 6.48 -0.96 32.41
CA THR A 56 7.62 -0.41 31.67
C THR A 56 7.35 -0.51 30.15
N ASN A 57 8.00 0.38 29.41
CA ASN A 57 8.00 0.35 27.95
C ASN A 57 8.24 -1.04 27.36
N ALA A 58 9.30 -1.70 27.83
CA ALA A 58 9.65 -3.03 27.33
C ALA A 58 8.54 -4.07 27.53
N GLY A 59 7.98 -4.14 28.72
CA GLY A 59 6.91 -5.10 29.02
C GLY A 59 5.63 -4.82 28.25
N TYR A 60 5.24 -3.55 28.20
CA TYR A 60 4.15 -3.10 27.33
C TYR A 60 4.39 -3.45 25.86
N LEU A 61 5.56 -3.12 25.32
CA LEU A 61 5.86 -3.49 23.93
C LEU A 61 5.91 -4.99 23.76
N ARG A 62 6.50 -5.69 24.70
CA ARG A 62 6.44 -7.17 24.69
C ARG A 62 5.03 -7.67 24.42
N HIS A 63 4.08 -7.13 25.20
CA HIS A 63 2.69 -7.61 25.27
C HIS A 63 1.91 -7.34 24.01
N ILE A 64 1.98 -6.09 23.54
CA ILE A 64 1.49 -5.70 22.20
C ILE A 64 1.94 -6.67 21.10
N ILE A 65 3.21 -7.07 21.16
CA ILE A 65 3.72 -8.05 20.20
C ILE A 65 3.11 -9.41 20.46
N ASP A 66 3.04 -9.80 21.73
CA ASP A 66 2.48 -11.08 22.12
C ASP A 66 1.07 -11.30 21.64
N VAL A 67 0.20 -10.31 21.81
CA VAL A 67 -1.19 -10.43 21.37
C VAL A 67 -1.35 -10.12 19.89
N GLY A 68 -0.31 -9.57 19.25
CA GLY A 68 -0.32 -9.37 17.79
C GLY A 68 -1.03 -8.12 17.29
N HIS A 69 -1.03 -7.08 18.13
CA HIS A 69 -1.49 -5.76 17.74
C HIS A 69 -0.34 -5.06 16.99
N PHE A 70 -0.08 -5.52 15.78
CA PHE A 70 1.10 -5.05 15.01
C PHE A 70 0.92 -3.66 14.46
N SER A 71 -0.33 -3.26 14.31
CA SER A 71 -0.65 -1.97 13.74
C SER A 71 0.09 -0.86 14.48
N VAL A 72 0.23 -1.03 15.79
CA VAL A 72 0.80 0.02 16.64
C VAL A 72 2.29 0.20 16.36
N LEU A 73 2.94 -0.87 15.89
CA LEU A 73 4.35 -0.78 15.51
C LEU A 73 4.62 0.14 14.29
N GLU A 74 3.56 0.53 13.55
CA GLU A 74 3.74 1.28 12.27
C GLU A 74 4.09 2.71 12.52
N HIS A 75 3.79 3.22 13.70
CA HIS A 75 3.98 4.65 13.94
C HIS A 75 5.43 5.13 13.92
N ALA A 76 6.36 4.19 14.16
CA ALA A 76 7.80 4.52 14.28
C ALA A 76 8.64 3.94 13.15
N SER A 77 9.59 4.75 12.67
CA SER A 77 10.36 4.43 11.47
C SER A 77 11.84 4.44 11.72
N VAL A 78 12.56 3.65 10.92
CA VAL A 78 14.00 3.80 10.77
C VAL A 78 14.43 3.82 9.31
N SER A 79 15.36 4.71 8.98
CA SER A 79 15.99 4.74 7.67
C SER A 79 17.47 4.36 7.73
N PHE A 80 17.87 3.44 6.85
CA PHE A 80 19.28 3.14 6.61
C PHE A 80 19.76 3.65 5.27
N TYR A 81 21.05 3.94 5.20
CA TYR A 81 21.81 4.12 3.95
C TYR A 81 22.68 2.90 3.80
N ILE A 82 22.28 2.02 2.88
CA ILE A 82 22.95 0.77 2.58
C ILE A 82 23.84 1.00 1.35
N THR A 83 25.16 0.92 1.52
CA THR A 83 26.10 0.79 0.40
C THR A 83 26.67 -0.62 0.45
N GLY A 84 27.24 -1.07 -0.67
CA GLY A 84 27.89 -2.38 -0.74
C GLY A 84 26.91 -3.54 -0.78
N ILE A 85 25.88 -3.37 -1.58
CA ILE A 85 24.83 -4.36 -1.79
C ILE A 85 24.70 -4.51 -3.29
N SER A 86 24.50 -5.72 -3.79
CA SER A 86 24.45 -5.90 -5.20
C SER A 86 23.12 -5.44 -5.82
N ARG A 87 23.18 -5.18 -7.10
CA ARG A 87 22.02 -4.99 -7.91
C ARG A 87 20.98 -6.12 -7.83
N SER A 88 21.40 -7.36 -8.04
CA SER A 88 20.44 -8.48 -7.93
C SER A 88 19.79 -8.53 -6.53
N CYS A 89 20.55 -8.19 -5.50
CA CYS A 89 20.07 -8.22 -4.14
C CYS A 89 18.99 -7.14 -3.95
N THR A 90 19.34 -5.89 -4.27
CA THR A 90 18.33 -4.84 -4.22
C THR A 90 17.11 -5.18 -5.05
N HIS A 91 17.29 -5.94 -6.14
CA HIS A 91 16.16 -6.37 -6.97
C HIS A 91 15.22 -7.30 -6.25
N GLU A 92 15.70 -7.91 -5.17
CA GLU A 92 14.83 -8.69 -4.28
C GLU A 92 14.30 -7.80 -3.17
N LEU A 93 15.16 -6.97 -2.60
CA LEU A 93 14.75 -6.02 -1.59
C LEU A 93 13.49 -5.26 -2.00
N ILE A 94 13.53 -4.64 -3.18
CA ILE A 94 12.45 -3.74 -3.62
C ILE A 94 11.07 -4.40 -3.94
N ARG A 95 10.98 -5.72 -3.87
CA ARG A 95 9.68 -6.42 -3.96
C ARG A 95 8.86 -6.24 -2.68
N HIS A 96 9.51 -5.84 -1.60
CA HIS A 96 8.81 -5.46 -0.37
C HIS A 96 8.20 -4.10 -0.50
N ARG A 97 6.89 -4.08 -0.58
CA ARG A 97 6.17 -2.90 -1.02
C ARG A 97 5.79 -1.90 0.06
N HIS A 98 6.02 -2.25 1.32
CA HIS A 98 5.73 -1.35 2.43
C HIS A 98 7.03 -0.72 2.93
N PHE A 99 7.99 -0.59 2.03
CA PHE A 99 9.15 0.22 2.28
C PHE A 99 9.15 1.39 1.32
N SER A 100 9.93 2.40 1.65
CA SER A 100 10.21 3.50 0.74
C SER A 100 11.70 3.48 0.35
N TYR A 101 12.00 3.81 -0.91
CA TYR A 101 13.34 3.64 -1.46
C TYR A 101 13.83 4.85 -2.24
N SER A 102 15.11 5.12 -2.13
CA SER A 102 15.81 6.04 -2.97
C SER A 102 17.14 5.39 -3.34
N GLN A 103 17.29 5.04 -4.63
CA GLN A 103 18.43 4.23 -5.11
C GLN A 103 19.29 4.94 -6.15
N LEU A 104 20.61 4.84 -5.96
CA LEU A 104 21.63 5.15 -7.00
C LEU A 104 21.15 4.69 -8.37
N SER A 105 20.92 5.62 -9.27
CA SER A 105 20.49 5.26 -10.62
C SER A 105 21.67 5.15 -11.53
N GLN A 106 21.69 4.05 -12.28
CA GLN A 106 22.69 3.82 -13.33
C GLN A 106 22.43 4.68 -14.55
N ARG A 107 21.30 5.38 -14.58
CA ARG A 107 21.00 6.29 -15.67
C ARG A 107 21.70 7.61 -15.47
N TYR A 108 21.99 7.98 -14.22
CA TYR A 108 22.58 9.29 -13.92
C TYR A 108 24.01 9.24 -13.35
N VAL A 109 24.42 8.12 -12.80
CA VAL A 109 25.71 8.03 -12.12
C VAL A 109 26.66 7.22 -12.97
N PRO A 110 27.86 7.77 -13.26
CA PRO A 110 28.87 6.98 -14.01
C PRO A 110 29.20 5.68 -13.32
N GLU A 111 29.27 4.60 -14.09
CA GLU A 111 29.66 3.29 -13.55
C GLU A 111 31.01 2.77 -14.09
N LYS A 112 31.85 3.70 -14.52
CA LYS A 112 33.16 3.43 -15.12
C LYS A 112 34.03 2.66 -14.13
N ASP A 113 34.00 3.12 -12.88
CA ASP A 113 34.81 2.56 -11.83
C ASP A 113 33.95 1.86 -10.77
N SER A 114 32.82 1.31 -11.20
CA SER A 114 31.89 0.69 -10.26
C SER A 114 32.52 -0.54 -9.61
N ARG A 115 32.33 -0.63 -8.28
CA ARG A 115 32.75 -1.75 -7.47
C ARG A 115 31.77 -2.87 -7.68
N VAL A 116 32.16 -4.11 -7.38
CA VAL A 116 31.25 -5.25 -7.45
C VAL A 116 31.09 -5.86 -6.05
N VAL A 117 29.98 -6.53 -5.84
CA VAL A 117 29.74 -7.21 -4.58
C VAL A 117 29.92 -8.68 -4.82
N VAL A 118 30.85 -9.29 -4.06
CA VAL A 118 31.18 -10.69 -4.22
C VAL A 118 30.13 -11.44 -3.51
N PRO A 119 29.53 -12.46 -4.17
CA PRO A 119 28.55 -13.27 -3.47
C PRO A 119 29.20 -13.93 -2.28
N PRO A 120 28.47 -14.04 -1.17
CA PRO A 120 29.12 -14.63 0.02
C PRO A 120 29.46 -16.14 -0.15
N GLY A 121 28.72 -16.86 -0.98
CA GLY A 121 29.01 -18.26 -1.23
C GLY A 121 30.32 -18.51 -1.98
N MET A 122 31.07 -17.44 -2.24
CA MET A 122 32.36 -17.56 -2.87
C MET A 122 33.31 -16.49 -2.35
N GLU A 123 33.08 -16.01 -1.13
CA GLU A 123 33.92 -14.97 -0.54
C GLU A 123 35.36 -15.44 -0.31
N ASP A 124 35.54 -16.71 0.07
CA ASP A 124 36.87 -17.22 0.45
C ASP A 124 37.66 -17.73 -0.76
N ASP A 125 37.03 -18.57 -1.60
CA ASP A 125 37.73 -19.17 -2.73
C ASP A 125 38.23 -18.13 -3.76
N ALA A 126 39.52 -17.77 -3.63
CA ALA A 126 40.14 -16.70 -4.42
C ALA A 126 40.13 -16.97 -5.91
N ASP A 127 40.07 -18.24 -6.27
CA ASP A 127 39.95 -18.61 -7.67
C ASP A 127 38.68 -17.97 -8.25
N LEU A 128 37.53 -18.27 -7.63
CA LEU A 128 36.21 -17.84 -8.15
C LEU A 128 36.07 -16.34 -8.12
N ARG A 129 36.54 -15.72 -7.04
CA ARG A 129 36.69 -14.27 -6.96
C ARG A 129 37.32 -13.74 -8.25
N HIS A 130 38.53 -14.21 -8.55
CA HIS A 130 39.23 -13.81 -9.77
C HIS A 130 38.37 -13.91 -11.03
N ILE A 131 37.62 -14.99 -11.20
CA ILE A 131 36.78 -15.13 -12.40
C ILE A 131 35.64 -14.09 -12.39
N LEU A 132 35.28 -13.60 -11.21
CA LEU A 132 34.26 -12.55 -11.06
C LEU A 132 34.89 -11.22 -11.39
N THR A 133 35.93 -10.85 -10.65
CA THR A 133 36.52 -9.56 -10.83
C THR A 133 36.88 -9.30 -12.29
N GLU A 134 37.32 -10.32 -13.00
CA GLU A 134 37.86 -10.16 -14.32
C GLU A 134 36.71 -10.09 -15.31
N ALA A 135 35.65 -10.85 -15.06
CA ALA A 135 34.46 -10.80 -15.90
C ALA A 135 33.80 -9.39 -15.82
N ALA A 136 33.92 -8.77 -14.65
CA ALA A 136 33.35 -7.47 -14.39
C ALA A 136 34.17 -6.38 -15.06
N ASP A 137 35.49 -6.43 -14.89
CA ASP A 137 36.41 -5.59 -15.68
C ASP A 137 36.12 -5.61 -17.18
N ALA A 138 35.86 -6.79 -17.75
CA ALA A 138 35.43 -6.91 -19.14
C ALA A 138 34.08 -6.19 -19.40
N ALA A 139 33.15 -6.35 -18.47
CA ALA A 139 31.84 -5.67 -18.59
C ALA A 139 32.02 -4.18 -18.41
N ARG A 140 32.82 -3.74 -17.44
CA ARG A 140 33.10 -2.29 -17.31
C ARG A 140 33.71 -1.69 -18.57
N ALA A 141 34.72 -2.37 -19.14
CA ALA A 141 35.32 -1.99 -20.45
C ALA A 141 34.28 -1.89 -21.53
N THR A 142 33.41 -2.88 -21.65
CA THR A 142 32.35 -2.82 -22.65
C THR A 142 31.36 -1.62 -22.41
N TYR A 143 31.01 -1.35 -21.17
CA TYR A 143 30.13 -0.22 -20.84
C TYR A 143 30.79 1.08 -21.28
N SER A 144 32.09 1.25 -21.00
CA SER A 144 32.80 2.48 -21.38
C SER A 144 32.94 2.60 -22.88
N GLU A 145 33.18 1.50 -23.56
CA GLU A 145 33.20 1.51 -24.99
C GLU A 145 31.82 1.95 -25.50
N LEU A 146 30.74 1.33 -25.00
CA LEU A 146 29.40 1.62 -25.46
C LEU A 146 29.04 3.05 -25.19
N LEU A 147 29.35 3.52 -23.99
CA LEU A 147 29.03 4.89 -23.60
C LEU A 147 29.65 5.88 -24.57
N ALA A 148 30.90 5.65 -24.95
CA ALA A 148 31.63 6.60 -25.78
C ALA A 148 30.96 6.69 -27.13
N LYS A 149 30.74 5.52 -27.71
CA LYS A 149 30.07 5.44 -29.00
C LYS A 149 28.67 6.03 -28.93
N LEU A 150 27.94 5.80 -27.84
CA LEU A 150 26.60 6.35 -27.71
C LEU A 150 26.64 7.88 -27.60
N GLU A 151 27.54 8.41 -26.78
CA GLU A 151 27.65 9.85 -26.60
C GLU A 151 27.91 10.53 -27.90
N ALA A 152 28.75 9.90 -28.72
CA ALA A 152 29.12 10.41 -30.02
C ALA A 152 27.98 10.29 -31.05
N LYS A 153 27.28 9.16 -31.06
CA LYS A 153 26.06 8.99 -31.84
C LYS A 153 25.04 10.09 -31.54
N PHE A 154 24.90 10.43 -30.26
CA PHE A 154 23.90 11.37 -29.77
C PHE A 154 24.35 12.83 -29.67
N ALA A 155 25.44 13.16 -30.36
CA ALA A 155 26.13 14.45 -30.26
C ALA A 155 25.26 15.64 -30.60
N ASP A 156 24.23 15.42 -31.43
CA ASP A 156 23.29 16.46 -31.81
C ASP A 156 22.17 16.68 -30.79
N GLN A 157 22.11 15.90 -29.71
CA GLN A 157 21.26 16.27 -28.57
C GLN A 157 22.06 17.39 -27.89
N PRO A 158 21.66 18.65 -28.09
CA PRO A 158 22.51 19.73 -27.56
C PRO A 158 22.47 19.80 -26.03
N ASN A 159 21.43 19.22 -25.44
CA ASN A 159 21.36 19.14 -23.99
C ASN A 159 22.28 18.06 -23.36
N ALA A 160 23.41 18.51 -22.81
CA ALA A 160 24.51 17.65 -22.38
C ALA A 160 24.13 16.66 -21.29
N ILE A 161 23.29 17.07 -20.36
CA ILE A 161 22.78 16.15 -19.34
C ILE A 161 21.84 15.11 -19.97
N LEU A 162 21.10 15.52 -20.97
CA LEU A 162 20.21 14.61 -21.66
C LEU A 162 21.07 13.56 -22.45
N ARG A 163 22.05 14.03 -23.24
CA ARG A 163 22.92 13.12 -23.98
C ARG A 163 23.43 12.01 -23.06
N ARG A 164 24.05 12.45 -21.97
CA ARG A 164 24.66 11.53 -21.00
C ARG A 164 23.68 10.49 -20.49
N LYS A 165 22.49 10.94 -20.13
CA LYS A 165 21.45 10.09 -19.62
C LYS A 165 21.09 9.09 -20.69
N GLN A 166 20.87 9.59 -21.91
CA GLN A 166 20.50 8.73 -23.03
C GLN A 166 21.61 7.71 -23.33
N ALA A 167 22.86 8.14 -23.18
CA ALA A 167 23.96 7.24 -23.41
C ALA A 167 24.11 6.21 -22.28
N ARG A 168 24.13 6.64 -21.02
CA ARG A 168 24.37 5.70 -19.92
C ARG A 168 23.30 4.65 -19.79
N GLN A 169 22.07 5.04 -20.09
CA GLN A 169 20.94 4.17 -19.83
C GLN A 169 20.94 3.02 -20.83
N ALA A 170 21.48 3.22 -22.01
CA ALA A 170 21.75 2.12 -22.96
C ALA A 170 23.04 1.37 -22.54
N ALA A 171 24.10 2.11 -22.23
CA ALA A 171 25.39 1.49 -21.92
C ALA A 171 25.31 0.50 -20.74
N ARG A 172 24.45 0.79 -19.76
CA ARG A 172 24.38 -0.05 -18.57
C ARG A 172 23.80 -1.41 -18.81
N ALA A 173 23.25 -1.63 -20.01
CA ALA A 173 22.86 -2.98 -20.47
C ALA A 173 23.87 -4.06 -20.13
N VAL A 174 25.19 -3.74 -20.11
CA VAL A 174 26.21 -4.79 -20.01
C VAL A 174 26.74 -5.01 -18.62
N LEU A 175 26.39 -4.12 -17.69
CA LEU A 175 26.89 -4.18 -16.32
C LEU A 175 26.30 -5.42 -15.62
N PRO A 176 27.13 -6.13 -14.84
CA PRO A 176 26.59 -7.37 -14.30
C PRO A 176 25.76 -7.13 -13.06
N ASN A 177 24.87 -8.10 -12.82
CA ASN A 177 24.14 -8.29 -11.55
C ASN A 177 24.91 -7.94 -10.29
N ALA A 178 26.22 -8.22 -10.26
CA ALA A 178 27.03 -8.04 -9.03
C ALA A 178 27.46 -6.62 -8.79
N THR A 179 27.16 -5.72 -9.73
CA THR A 179 27.56 -4.33 -9.60
C THR A 179 27.00 -3.74 -8.32
N GLU A 180 27.83 -3.00 -7.59
CA GLU A 180 27.37 -2.18 -6.44
C GLU A 180 26.24 -1.22 -6.77
N THR A 181 25.25 -1.18 -5.89
CA THR A 181 24.36 -0.04 -5.82
C THR A 181 24.32 0.47 -4.39
N ARG A 182 23.59 1.57 -4.22
CA ARG A 182 23.52 2.28 -2.97
C ARG A 182 22.10 2.79 -2.81
N ILE A 183 21.59 2.78 -1.59
CA ILE A 183 20.16 2.89 -1.44
C ILE A 183 19.74 3.27 -0.03
N VAL A 184 18.88 4.27 0.07
CA VAL A 184 18.17 4.60 1.32
C VAL A 184 16.88 3.80 1.40
N VAL A 185 16.62 3.23 2.58
CA VAL A 185 15.49 2.37 2.80
C VAL A 185 14.88 2.82 4.10
N THR A 186 13.59 3.15 4.05
CA THR A 186 12.86 3.56 5.21
C THR A 186 11.71 2.59 5.41
N GLY A 187 11.60 2.02 6.63
CA GLY A 187 10.50 1.14 6.95
C GLY A 187 9.95 1.45 8.33
N ASN A 188 8.68 1.20 8.57
CA ASN A 188 8.19 1.35 9.94
C ASN A 188 8.54 0.06 10.65
N TYR A 189 8.47 0.06 11.99
CA TYR A 189 8.86 -1.16 12.75
C TYR A 189 8.14 -2.38 12.26
N ARG A 190 6.91 -2.27 11.79
CA ARG A 190 6.21 -3.49 11.33
C ARG A 190 6.79 -3.98 10.00
N ALA A 191 7.05 -3.06 9.07
CA ALA A 191 7.61 -3.45 7.77
C ALA A 191 8.92 -4.22 7.96
N TRP A 192 9.80 -3.63 8.77
CA TRP A 192 11.08 -4.23 9.16
C TRP A 192 10.88 -5.59 9.74
N ARG A 193 9.94 -5.73 10.67
CA ARG A 193 9.76 -7.02 11.31
C ARG A 193 9.43 -8.08 10.32
N HIS A 194 8.67 -7.74 9.27
CA HIS A 194 8.22 -8.74 8.25
C HIS A 194 9.31 -9.03 7.23
N PHE A 195 10.08 -8.01 6.92
CA PHE A 195 11.30 -8.18 6.13
C PHE A 195 12.33 -9.07 6.82
N ILE A 196 12.75 -8.67 8.02
CA ILE A 196 13.66 -9.49 8.82
C ILE A 196 13.15 -10.93 8.87
N ALA A 197 11.86 -11.13 9.08
CA ALA A 197 11.31 -12.47 9.22
C ALA A 197 11.29 -13.31 7.93
N MET A 198 11.14 -12.66 6.79
CA MET A 198 11.14 -13.37 5.50
C MET A 198 12.53 -13.54 4.89
N ARG A 199 13.38 -12.53 5.05
CA ARG A 199 14.68 -12.49 4.42
C ARG A 199 15.85 -12.84 5.35
N ALA A 200 15.58 -13.15 6.61
CA ALA A 200 16.61 -13.64 7.52
C ALA A 200 16.43 -15.13 7.78
N SER A 201 15.52 -15.76 7.03
CA SER A 201 15.29 -17.18 7.19
C SER A 201 16.39 -17.94 6.46
N GLU A 202 16.36 -19.26 6.54
CA GLU A 202 17.28 -20.10 5.77
C GLU A 202 16.89 -20.09 4.29
N HIS A 203 15.59 -20.05 4.01
CA HIS A 203 15.12 -20.18 2.64
C HIS A 203 15.59 -18.99 1.76
N ALA A 204 16.05 -17.91 2.41
CA ALA A 204 16.50 -16.69 1.71
C ALA A 204 17.97 -16.75 1.26
N ASP A 205 18.19 -16.24 0.05
CA ASP A 205 19.52 -15.94 -0.52
C ASP A 205 20.45 -15.31 0.53
N VAL A 206 21.71 -15.72 0.54
CA VAL A 206 22.63 -15.42 1.64
C VAL A 206 22.99 -13.93 1.74
N GLU A 207 23.06 -13.26 0.59
CA GLU A 207 23.36 -11.82 0.56
C GLU A 207 22.26 -10.97 1.20
N ILE A 208 21.01 -11.25 0.83
CA ILE A 208 19.88 -10.55 1.42
C ILE A 208 19.69 -10.95 2.89
N ARG A 209 19.96 -12.23 3.20
CA ARG A 209 19.96 -12.69 4.60
C ARG A 209 20.91 -11.88 5.43
N ARG A 210 22.09 -11.65 4.87
CA ARG A 210 23.15 -10.96 5.57
C ARG A 210 22.80 -9.46 5.80
N LEU A 211 22.06 -8.89 4.86
CA LEU A 211 21.49 -7.57 5.03
C LEU A 211 20.43 -7.55 6.13
N ALA A 212 19.56 -8.55 6.14
CA ALA A 212 18.47 -8.61 7.10
C ALA A 212 18.98 -8.63 8.53
N ILE A 213 19.95 -9.50 8.79
CA ILE A 213 20.47 -9.67 10.15
C ILE A 213 21.22 -8.43 10.55
N GLU A 214 21.93 -7.82 9.62
CA GLU A 214 22.57 -6.56 9.96
C GLU A 214 21.55 -5.46 10.32
N CYS A 215 20.40 -5.48 9.63
CA CYS A 215 19.35 -4.49 9.89
C CYS A 215 18.78 -4.77 11.27
N LEU A 216 18.43 -6.03 11.48
CA LEU A 216 18.05 -6.49 12.79
C LEU A 216 18.97 -5.95 13.92
N ARG A 217 20.26 -6.25 13.88
CA ARG A 217 21.11 -5.82 14.99
C ARG A 217 21.12 -4.30 15.20
N GLN A 218 20.95 -3.51 14.15
CA GLN A 218 20.91 -2.05 14.38
C GLN A 218 19.57 -1.60 14.88
N LEU A 219 18.50 -2.27 14.45
CA LEU A 219 17.16 -1.99 14.97
C LEU A 219 17.11 -2.31 16.46
N ALA A 220 17.74 -3.41 16.90
CA ALA A 220 17.82 -3.74 18.35
C ALA A 220 18.57 -2.66 19.14
N ALA A 221 19.67 -2.14 18.62
CA ALA A 221 20.36 -1.05 19.34
C ALA A 221 19.50 0.21 19.70
N VAL A 222 18.41 0.46 18.97
CA VAL A 222 17.57 1.67 19.18
C VAL A 222 16.13 1.39 19.64
N ALA A 223 15.63 0.19 19.35
CA ALA A 223 14.31 -0.22 19.79
C ALA A 223 14.33 -1.69 20.25
N PRO A 224 15.08 -1.98 21.35
CA PRO A 224 15.35 -3.37 21.81
C PRO A 224 14.13 -4.23 22.05
N ALA A 225 13.11 -3.64 22.65
CA ALA A 225 11.93 -4.40 23.03
C ALA A 225 11.08 -4.79 21.80
N VAL A 226 11.07 -3.92 20.77
CA VAL A 226 10.28 -4.15 19.55
C VAL A 226 10.79 -5.34 18.77
N PHE A 227 12.10 -5.56 18.87
CA PHE A 227 12.78 -6.60 18.10
C PHE A 227 13.45 -7.65 18.98
N ALA A 228 13.12 -7.63 20.29
CA ALA A 228 13.75 -8.55 21.25
C ALA A 228 13.47 -10.02 20.95
N ASP A 229 12.32 -10.32 20.37
CA ASP A 229 11.89 -11.71 20.19
C ASP A 229 12.67 -12.41 19.13
N PHE A 230 13.51 -11.67 18.39
CA PHE A 230 14.30 -12.26 17.32
C PHE A 230 15.63 -12.74 17.89
N GLU A 231 16.08 -13.92 17.42
CA GLU A 231 17.36 -14.53 17.87
C GLU A 231 18.25 -14.96 16.70
N VAL A 232 19.50 -14.50 16.73
CA VAL A 232 20.46 -14.86 15.68
C VAL A 232 21.15 -16.18 16.04
N THR A 233 20.97 -17.18 15.18
CA THR A 233 21.61 -18.47 15.38
C THR A 233 22.45 -18.82 14.18
N THR A 234 23.47 -19.63 14.40
CA THR A 234 24.33 -20.08 13.31
C THR A 234 23.86 -21.42 12.74
N LEU A 235 23.88 -21.54 11.42
CA LEU A 235 23.33 -22.70 10.71
C LEU A 235 24.46 -23.71 10.46
N ALA A 236 24.11 -24.89 9.94
CA ALA A 236 25.08 -25.96 9.57
C ALA A 236 26.23 -25.44 8.69
N ASP A 237 25.85 -24.62 7.69
CA ASP A 237 26.75 -23.76 6.86
C ASP A 237 27.83 -22.94 7.57
N GLY A 238 27.54 -22.51 8.80
CA GLY A 238 28.29 -21.42 9.44
C GLY A 238 27.73 -20.03 9.15
N THR A 239 26.70 -19.93 8.29
CA THR A 239 26.02 -18.66 8.04
C THR A 239 24.90 -18.43 9.07
N GLU A 240 24.76 -17.17 9.51
CA GLU A 240 23.76 -16.80 10.50
C GLU A 240 22.37 -16.77 9.88
N VAL A 241 21.37 -17.06 10.72
CA VAL A 241 19.96 -16.82 10.43
C VAL A 241 19.27 -16.21 11.63
N ALA A 242 18.11 -15.61 11.40
CA ALA A 242 17.35 -15.00 12.47
C ALA A 242 15.93 -15.54 12.46
N THR A 243 15.39 -15.70 13.67
CA THR A 243 14.05 -16.23 13.87
C THR A 243 13.45 -15.81 15.20
N SER A 244 12.13 -15.90 15.20
CA SER A 244 11.26 -15.65 16.34
C SER A 244 10.02 -16.53 16.07
N PRO A 245 9.40 -17.08 17.12
CA PRO A 245 8.14 -17.83 16.91
C PRO A 245 6.89 -16.96 16.62
N LEU A 246 7.11 -15.75 16.10
CA LEU A 246 6.04 -14.77 15.93
C LEU A 246 6.10 -14.15 14.54
N ALA B 2 -38.48 2.43 12.62
CA ALA B 2 -37.30 2.07 11.81
C ALA B 2 -37.48 0.72 11.18
N GLU B 3 -37.15 0.58 9.91
CA GLU B 3 -37.06 -0.74 9.32
C GLU B 3 -35.65 -1.29 9.51
N THR B 4 -35.53 -2.61 9.51
CA THR B 4 -34.26 -3.25 9.74
C THR B 4 -33.77 -3.85 8.47
N ALA B 5 -32.46 -4.00 8.38
CA ALA B 5 -31.82 -4.47 7.18
C ALA B 5 -31.02 -5.71 7.53
N PRO B 6 -31.19 -6.80 6.76
CA PRO B 6 -30.35 -7.99 6.94
C PRO B 6 -29.10 -7.98 6.04
N LEU B 7 -28.03 -8.61 6.49
CA LEU B 7 -26.83 -8.77 5.69
C LEU B 7 -27.08 -9.49 4.38
N ARG B 8 -26.76 -8.81 3.29
CA ARG B 8 -26.70 -9.41 1.97
C ARG B 8 -25.36 -9.11 1.33
N VAL B 9 -24.64 -10.18 0.98
CA VAL B 9 -23.39 -10.10 0.26
C VAL B 9 -23.57 -10.71 -1.13
N GLN B 10 -23.36 -9.89 -2.17
CA GLN B 10 -23.58 -10.31 -3.55
C GLN B 10 -22.27 -10.16 -4.32
N LEU B 11 -21.88 -11.25 -4.96
CA LEU B 11 -20.65 -11.28 -5.73
C LEU B 11 -20.99 -10.62 -7.04
N ILE B 12 -20.20 -9.64 -7.45
CA ILE B 12 -20.50 -8.90 -8.68
C ILE B 12 -19.33 -8.88 -9.64
N ALA B 13 -18.17 -9.33 -9.21
CA ALA B 13 -17.03 -9.34 -10.10
C ALA B 13 -16.04 -10.42 -9.75
N LYS B 14 -15.43 -10.98 -10.78
CA LYS B 14 -14.35 -11.91 -10.63
C LYS B 14 -13.47 -11.94 -11.87
N THR B 15 -12.40 -12.71 -11.81
CA THR B 15 -11.38 -12.73 -12.84
C THR B 15 -11.70 -13.62 -14.03
N ASP B 16 -11.65 -13.00 -15.20
CA ASP B 16 -11.73 -13.67 -16.50
C ASP B 16 -10.29 -14.00 -16.94
N PHE B 17 -9.91 -15.28 -16.93
CA PHE B 17 -8.59 -15.70 -17.39
C PHE B 17 -8.58 -16.06 -18.88
N LEU B 18 -7.68 -15.44 -19.64
CA LEU B 18 -7.48 -15.66 -21.08
C LEU B 18 -6.05 -16.21 -21.26
N ALA B 19 -5.90 -17.53 -21.41
CA ALA B 19 -4.56 -18.15 -21.42
C ALA B 19 -3.78 -17.79 -22.68
N PRO B 20 -2.47 -17.55 -22.53
CA PRO B 20 -1.67 -17.12 -23.66
C PRO B 20 -1.23 -18.27 -24.60
N PRO B 21 -1.52 -18.10 -25.90
CA PRO B 21 -1.41 -19.19 -26.89
C PRO B 21 0.01 -19.78 -27.03
N ASP B 22 1.03 -18.93 -27.19
CA ASP B 22 2.40 -19.43 -27.42
C ASP B 22 3.06 -19.96 -26.13
N VAL B 23 2.28 -20.22 -25.09
CA VAL B 23 2.79 -20.97 -23.95
C VAL B 23 2.08 -22.33 -24.00
N PRO B 24 2.82 -23.43 -23.71
CA PRO B 24 2.30 -24.80 -23.83
C PRO B 24 1.92 -25.37 -22.46
N TRP B 25 0.70 -25.04 -22.03
CA TRP B 25 0.23 -25.36 -20.68
C TRP B 25 -1.28 -25.34 -20.72
N THR B 26 -1.90 -26.20 -19.92
CA THR B 26 -3.34 -26.10 -19.61
C THR B 26 -3.53 -26.66 -18.20
N THR B 27 -4.74 -26.53 -17.69
CA THR B 27 -5.02 -26.93 -16.32
C THR B 27 -6.50 -27.18 -16.17
N ASP B 28 -6.86 -27.94 -15.15
CA ASP B 28 -8.27 -28.31 -14.90
C ASP B 28 -9.14 -27.15 -14.38
N ALA B 29 -8.58 -25.93 -14.32
CA ALA B 29 -9.32 -24.79 -13.76
C ALA B 29 -9.63 -23.67 -14.74
N ASP B 30 -10.56 -22.82 -14.32
CA ASP B 30 -10.97 -21.64 -15.04
C ASP B 30 -10.53 -20.36 -14.27
N GLY B 31 -10.72 -19.18 -14.88
CA GLY B 31 -10.62 -17.87 -14.17
C GLY B 31 -9.48 -17.62 -13.19
N GLY B 32 -9.82 -17.06 -12.03
CA GLY B 32 -8.83 -16.68 -11.02
C GLY B 32 -7.91 -17.79 -10.58
N PRO B 33 -8.47 -18.99 -10.32
CA PRO B 33 -7.57 -20.08 -9.92
C PRO B 33 -6.64 -20.52 -11.06
N ALA B 34 -7.13 -20.44 -12.30
CA ALA B 34 -6.32 -20.69 -13.50
C ALA B 34 -5.15 -19.73 -13.59
N LEU B 35 -5.47 -18.43 -13.56
CA LEU B 35 -4.48 -17.35 -13.49
C LEU B 35 -3.42 -17.51 -12.40
N VAL B 36 -3.83 -17.92 -11.21
CA VAL B 36 -2.85 -18.04 -10.14
C VAL B 36 -1.81 -19.12 -10.46
N GLU B 37 -2.27 -20.21 -11.10
CA GLU B 37 -1.38 -21.31 -11.43
C GLU B 37 -0.41 -20.79 -12.45
N PHE B 38 -0.95 -20.15 -13.48
CA PHE B 38 -0.14 -19.57 -14.56
C PHE B 38 0.93 -18.67 -14.04
N ALA B 39 0.62 -17.90 -12.99
CA ALA B 39 1.57 -16.96 -12.42
C ALA B 39 2.68 -17.66 -11.61
N GLY B 40 2.32 -18.64 -10.82
CA GLY B 40 3.34 -19.40 -10.06
C GLY B 40 4.23 -20.21 -11.01
N ARG B 41 3.64 -20.76 -12.07
CA ARG B 41 4.41 -21.51 -13.05
C ARG B 41 5.31 -20.58 -13.88
N ALA B 42 4.78 -19.47 -14.38
CA ALA B 42 5.63 -18.46 -15.02
C ALA B 42 6.88 -18.15 -14.21
N CYS B 43 6.80 -18.27 -12.90
CA CYS B 43 7.97 -18.01 -12.06
C CYS B 43 9.12 -18.96 -12.31
N TYR B 44 8.79 -20.21 -12.69
CA TYR B 44 9.78 -21.23 -13.01
C TYR B 44 9.75 -21.68 -14.46
N GLN B 45 8.96 -21.00 -15.29
CA GLN B 45 8.67 -21.42 -16.66
C GLN B 45 8.42 -22.93 -16.77
N SER B 46 7.83 -23.51 -15.72
CA SER B 46 7.52 -24.93 -15.65
C SER B 46 6.17 -25.28 -16.31
N TRP B 47 6.07 -25.14 -17.62
CA TRP B 47 4.78 -25.30 -18.30
C TRP B 47 4.37 -26.77 -18.49
N SER B 48 5.39 -27.64 -18.60
CA SER B 48 5.23 -29.08 -18.47
C SER B 48 4.91 -29.30 -17.00
N LYS B 49 3.83 -30.04 -16.72
CA LYS B 49 3.46 -30.36 -15.34
C LYS B 49 4.47 -31.37 -14.74
N PRO B 50 5.54 -30.86 -14.06
CA PRO B 50 6.76 -31.65 -13.83
C PRO B 50 6.91 -32.35 -12.45
N ASN B 51 5.94 -32.19 -11.54
CA ASN B 51 6.01 -32.82 -10.22
C ASN B 51 4.77 -33.67 -9.91
N PRO B 52 4.20 -34.34 -10.95
CA PRO B 52 2.86 -34.96 -11.03
C PRO B 52 1.92 -34.92 -9.79
N LYS B 53 2.48 -34.90 -8.59
CA LYS B 53 1.71 -34.55 -7.37
C LYS B 53 0.78 -33.34 -7.63
N THR B 54 1.35 -32.26 -8.17
CA THR B 54 0.69 -30.96 -8.30
C THR B 54 0.23 -30.68 -9.74
N ALA B 55 -0.11 -31.72 -10.48
CA ALA B 55 -0.50 -31.56 -11.87
C ALA B 55 -1.97 -31.17 -12.00
N THR B 56 -2.64 -30.91 -10.87
CA THR B 56 -3.98 -30.31 -10.91
C THR B 56 -3.95 -28.91 -10.34
N ASN B 57 -4.80 -28.03 -10.89
CA ASN B 57 -5.00 -26.69 -10.34
C ASN B 57 -5.14 -26.73 -8.83
N ALA B 58 -6.07 -27.57 -8.37
CA ALA B 58 -6.33 -27.79 -6.95
C ALA B 58 -5.09 -28.20 -6.16
N GLY B 59 -4.30 -29.11 -6.70
CA GLY B 59 -3.06 -29.53 -6.05
C GLY B 59 -1.95 -28.50 -6.10
N TYR B 60 -1.76 -27.87 -7.26
CA TYR B 60 -0.85 -26.71 -7.39
C TYR B 60 -1.20 -25.62 -6.37
N LEU B 61 -2.46 -25.20 -6.34
CA LEU B 61 -2.83 -24.09 -5.45
C LEU B 61 -2.57 -24.46 -4.01
N ARG B 62 -2.89 -25.70 -3.64
CA ARG B 62 -2.65 -26.19 -2.28
C ARG B 62 -1.17 -26.10 -1.95
N HIS B 63 -0.33 -26.41 -2.93
CA HIS B 63 1.11 -26.34 -2.65
C HIS B 63 1.61 -24.91 -2.38
N ILE B 64 1.19 -23.96 -3.21
CA ILE B 64 1.52 -22.53 -3.00
C ILE B 64 1.18 -22.08 -1.59
N ILE B 65 -0.03 -22.41 -1.13
CA ILE B 65 -0.44 -22.07 0.24
C ILE B 65 0.49 -22.76 1.24
N ASP B 66 0.89 -24.00 0.94
CA ASP B 66 1.76 -24.77 1.85
C ASP B 66 3.13 -24.10 2.02
N VAL B 67 3.73 -23.68 0.92
CA VAL B 67 5.07 -23.01 0.96
C VAL B 67 5.07 -21.55 1.43
N GLY B 68 3.91 -20.87 1.38
CA GLY B 68 3.83 -19.46 1.84
C GLY B 68 4.17 -18.40 0.79
N HIS B 69 3.98 -18.77 -0.47
CA HIS B 69 4.19 -17.92 -1.61
C HIS B 69 2.83 -17.29 -1.93
N PHE B 70 2.38 -16.41 -1.06
CA PHE B 70 1.04 -15.85 -1.15
C PHE B 70 0.93 -14.76 -2.24
N SER B 71 2.06 -14.20 -2.68
CA SER B 71 2.03 -13.11 -3.66
C SER B 71 1.31 -13.53 -4.94
N VAL B 72 1.41 -14.81 -5.29
CA VAL B 72 0.76 -15.32 -6.51
C VAL B 72 -0.72 -15.31 -6.37
N LEU B 73 -1.21 -15.39 -5.13
CA LEU B 73 -2.65 -15.27 -4.85
C LEU B 73 -3.17 -13.89 -5.24
N GLU B 74 -2.31 -12.85 -5.17
CA GLU B 74 -2.71 -11.46 -5.45
C GLU B 74 -3.23 -11.19 -6.86
N HIS B 75 -2.92 -12.07 -7.82
CA HIS B 75 -3.31 -11.81 -9.22
C HIS B 75 -4.80 -11.90 -9.47
N ALA B 76 -5.52 -12.69 -8.67
CA ALA B 76 -6.98 -12.87 -8.84
C ALA B 76 -7.78 -12.07 -7.80
N SER B 77 -8.91 -11.53 -8.23
CA SER B 77 -9.70 -10.65 -7.43
C SER B 77 -11.19 -10.95 -7.48
N VAL B 78 -11.90 -10.60 -6.41
CA VAL B 78 -13.35 -10.70 -6.34
C VAL B 78 -13.97 -9.42 -5.76
N SER B 79 -15.07 -8.96 -6.35
CA SER B 79 -15.79 -7.82 -5.80
C SER B 79 -17.13 -8.24 -5.24
N PHE B 80 -17.52 -7.65 -4.10
CA PHE B 80 -18.86 -7.84 -3.55
C PHE B 80 -19.57 -6.52 -3.39
N TYR B 81 -20.90 -6.55 -3.50
CA TYR B 81 -21.81 -5.50 -3.08
C TYR B 81 -22.45 -5.94 -1.80
N ILE B 82 -22.21 -5.23 -0.73
CA ILE B 82 -22.66 -5.65 0.59
C ILE B 82 -23.65 -4.60 1.06
N THR B 83 -24.89 -5.04 1.36
CA THR B 83 -25.92 -4.18 1.94
C THR B 83 -26.28 -4.73 3.31
N GLY B 84 -27.10 -4.03 4.07
CA GLY B 84 -27.34 -4.49 5.45
C GLY B 84 -26.07 -4.62 6.28
N ILE B 85 -25.14 -3.69 6.09
CA ILE B 85 -23.96 -3.63 6.91
C ILE B 85 -24.03 -2.32 7.67
N SER B 86 -23.72 -2.37 8.95
CA SER B 86 -23.81 -1.17 9.75
C SER B 86 -22.61 -0.25 9.47
N ARG B 87 -22.85 1.04 9.64
CA ARG B 87 -21.80 2.02 9.67
C ARG B 87 -20.65 1.67 10.58
N SER B 88 -20.93 1.29 11.81
CA SER B 88 -19.81 0.93 12.69
C SER B 88 -19.04 -0.24 12.10
N CYS B 89 -19.74 -1.18 11.46
CA CYS B 89 -19.04 -2.37 10.90
C CYS B 89 -18.09 -2.00 9.76
N THR B 90 -18.54 -1.12 8.87
CA THR B 90 -17.69 -0.67 7.80
C THR B 90 -16.54 0.20 8.31
N HIS B 91 -16.77 0.92 9.42
CA HIS B 91 -15.67 1.62 10.11
C HIS B 91 -14.54 0.69 10.54
N GLU B 92 -14.88 -0.53 10.90
CA GLU B 92 -13.87 -1.56 11.15
C GLU B 92 -13.33 -2.17 9.87
N LEU B 93 -14.21 -2.41 8.90
CA LEU B 93 -13.81 -3.06 7.65
C LEU B 93 -12.78 -2.23 6.90
N ILE B 94 -12.96 -0.92 6.83
CA ILE B 94 -12.12 -0.14 5.97
C ILE B 94 -10.71 0.07 6.52
N ARG B 95 -10.47 -0.38 7.75
CA ARG B 95 -9.09 -0.42 8.29
C ARG B 95 -8.16 -1.33 7.52
N HIS B 96 -8.72 -2.26 6.78
CA HIS B 96 -8.00 -3.17 5.92
C HIS B 96 -7.61 -2.51 4.60
N ARG B 97 -6.32 -2.21 4.50
CA ARG B 97 -5.84 -1.25 3.56
C ARG B 97 -5.53 -1.82 2.20
N HIS B 98 -5.56 -3.13 2.03
CA HIS B 98 -5.23 -3.72 0.73
C HIS B 98 -6.52 -4.13 0.10
N PHE B 99 -7.59 -3.37 0.37
CA PHE B 99 -8.85 -3.45 -0.39
C PHE B 99 -9.16 -2.14 -1.09
N SER B 100 -10.06 -2.21 -2.07
CA SER B 100 -10.64 -1.04 -2.65
C SER B 100 -12.09 -1.00 -2.28
N TYR B 101 -12.61 0.21 -2.12
CA TYR B 101 -13.92 0.43 -1.56
C TYR B 101 -14.68 1.52 -2.25
N SER B 102 -15.99 1.34 -2.42
CA SER B 102 -16.86 2.46 -2.79
C SER B 102 -18.10 2.36 -1.96
N GLN B 103 -18.44 3.45 -1.25
CA GLN B 103 -19.43 3.39 -0.17
C GLN B 103 -20.48 4.48 -0.24
N LEU B 104 -21.70 4.09 0.07
CA LEU B 104 -22.85 5.00 0.15
C LEU B 104 -22.47 6.14 1.06
N SER B 105 -22.66 7.37 0.59
CA SER B 105 -22.17 8.52 1.29
C SER B 105 -23.35 9.26 1.90
N GLN B 106 -23.28 9.52 3.20
CA GLN B 106 -24.36 10.22 3.88
C GLN B 106 -24.33 11.73 3.57
N ARG B 107 -23.28 12.21 2.94
CA ARG B 107 -23.20 13.59 2.50
C ARG B 107 -24.06 13.81 1.28
N TYR B 108 -24.20 12.79 0.44
CA TYR B 108 -25.03 12.90 -0.77
C TYR B 108 -26.36 12.19 -0.65
N VAL B 109 -26.41 11.05 0.00
CA VAL B 109 -27.62 10.28 0.02
C VAL B 109 -28.55 10.59 1.18
N PRO B 110 -29.81 11.02 0.90
CA PRO B 110 -30.77 11.27 1.99
C PRO B 110 -31.00 10.05 2.86
N GLU B 111 -31.12 10.26 4.17
CA GLU B 111 -31.19 9.15 5.12
C GLU B 111 -32.39 9.22 6.06
N LYS B 112 -33.45 9.92 5.69
CA LYS B 112 -34.62 10.02 6.59
C LYS B 112 -35.40 8.74 6.68
N ASP B 113 -35.33 7.93 5.63
CA ASP B 113 -35.92 6.56 5.65
C ASP B 113 -34.85 5.49 5.88
N SER B 114 -33.68 5.89 6.39
CA SER B 114 -32.57 4.96 6.53
C SER B 114 -33.00 3.86 7.46
N ARG B 115 -32.54 2.66 7.11
CA ARG B 115 -32.79 1.49 7.89
C ARG B 115 -31.69 1.33 8.92
N VAL B 116 -31.92 0.51 9.93
CA VAL B 116 -30.84 0.15 10.88
C VAL B 116 -30.43 -1.30 10.78
N VAL B 117 -29.20 -1.61 11.21
CA VAL B 117 -28.75 -2.99 11.22
C VAL B 117 -28.65 -3.37 12.63
N VAL B 118 -29.33 -4.45 13.00
CA VAL B 118 -29.43 -4.87 14.38
C VAL B 118 -28.18 -5.64 14.73
N PRO B 119 -27.44 -5.22 15.78
CA PRO B 119 -26.32 -6.02 16.24
C PRO B 119 -26.70 -7.49 16.48
N PRO B 120 -25.85 -8.42 16.09
CA PRO B 120 -26.16 -9.81 16.36
C PRO B 120 -26.44 -10.17 17.80
N GLY B 121 -25.84 -9.47 18.74
CA GLY B 121 -26.12 -9.77 20.17
C GLY B 121 -27.57 -9.49 20.59
N MET B 122 -28.24 -8.63 19.83
CA MET B 122 -29.61 -8.23 20.08
C MET B 122 -30.60 -8.94 19.17
N GLU B 123 -30.15 -9.69 18.19
CA GLU B 123 -31.09 -10.25 17.21
C GLU B 123 -32.27 -11.03 17.81
N ASP B 124 -32.03 -11.72 18.92
CA ASP B 124 -33.03 -12.64 19.44
C ASP B 124 -33.85 -12.05 20.59
N ASP B 125 -33.94 -10.72 20.69
CA ASP B 125 -34.53 -10.07 21.86
C ASP B 125 -35.39 -8.88 21.43
N ALA B 126 -36.70 -9.07 21.48
CA ALA B 126 -37.66 -8.08 21.03
C ALA B 126 -37.60 -6.73 21.80
N ASP B 127 -37.30 -6.83 23.09
CA ASP B 127 -37.16 -5.65 23.92
C ASP B 127 -35.97 -4.81 23.40
N LEU B 128 -34.77 -5.39 23.38
CA LEU B 128 -33.56 -4.70 22.85
C LEU B 128 -33.75 -4.13 21.44
N ARG B 129 -34.31 -4.91 20.51
CA ARG B 129 -34.50 -4.45 19.14
C ARG B 129 -35.40 -3.20 19.12
N HIS B 130 -36.44 -3.25 19.94
CA HIS B 130 -37.39 -2.18 20.02
C HIS B 130 -36.79 -0.92 20.58
N ILE B 131 -35.92 -1.07 21.55
CA ILE B 131 -35.24 0.05 22.14
C ILE B 131 -34.43 0.72 21.04
N LEU B 132 -33.67 -0.11 20.33
CA LEU B 132 -32.85 0.34 19.19
C LEU B 132 -33.64 1.11 18.12
N THR B 133 -34.68 0.50 17.60
CA THR B 133 -35.43 1.10 16.50
C THR B 133 -36.19 2.37 16.94
N GLU B 134 -36.63 2.41 18.20
CA GLU B 134 -37.25 3.61 18.74
C GLU B 134 -36.22 4.71 18.77
N ALA B 135 -35.00 4.40 19.26
CA ALA B 135 -33.89 5.35 19.31
C ALA B 135 -33.48 5.80 17.90
N ALA B 136 -33.51 4.89 16.93
CA ALA B 136 -33.20 5.25 15.55
C ALA B 136 -34.30 6.16 14.96
N ASP B 137 -35.57 5.88 15.28
CA ASP B 137 -36.65 6.75 14.76
C ASP B 137 -36.47 8.17 15.29
N ALA B 138 -36.09 8.28 16.55
CA ALA B 138 -35.93 9.60 17.15
C ALA B 138 -34.75 10.31 16.46
N ALA B 139 -33.68 9.58 16.18
CA ALA B 139 -32.54 10.18 15.50
C ALA B 139 -32.90 10.65 14.08
N ARG B 140 -33.61 9.84 13.31
CA ARG B 140 -34.02 10.27 11.96
C ARG B 140 -34.87 11.56 11.98
N ALA B 141 -35.71 11.69 13.01
CA ALA B 141 -36.58 12.88 13.16
C ALA B 141 -35.74 14.09 13.46
N THR B 142 -34.77 13.96 14.37
CA THR B 142 -33.75 15.01 14.56
C THR B 142 -32.96 15.32 13.25
N TYR B 143 -32.58 14.28 12.53
CA TYR B 143 -31.88 14.49 11.27
C TYR B 143 -32.72 15.36 10.29
N SER B 144 -34.01 15.06 10.19
CA SER B 144 -34.92 15.88 9.35
C SER B 144 -35.14 17.27 9.93
N GLU B 145 -35.27 17.37 11.25
CA GLU B 145 -35.38 18.71 11.85
C GLU B 145 -34.13 19.54 11.59
N LEU B 146 -32.94 18.95 11.71
CA LEU B 146 -31.70 19.69 11.44
C LEU B 146 -31.51 20.03 9.97
N LEU B 147 -31.84 19.08 9.10
CA LEU B 147 -31.69 19.27 7.65
C LEU B 147 -32.47 20.50 7.21
N ALA B 148 -33.73 20.56 7.58
CA ALA B 148 -34.61 21.67 7.20
C ALA B 148 -34.10 23.00 7.74
N LYS B 149 -33.71 23.05 9.02
CA LYS B 149 -33.15 24.27 9.57
C LYS B 149 -31.82 24.66 8.99
N LEU B 150 -30.93 23.70 8.74
CA LEU B 150 -29.69 24.05 8.06
C LEU B 150 -29.92 24.54 6.61
N GLU B 151 -30.88 23.95 5.91
CA GLU B 151 -31.21 24.42 4.53
C GLU B 151 -31.69 25.88 4.54
N ALA B 152 -32.55 26.22 5.49
CA ALA B 152 -32.97 27.61 5.68
C ALA B 152 -31.76 28.48 5.94
N LYS B 153 -30.89 28.02 6.85
CA LYS B 153 -29.73 28.82 7.27
C LYS B 153 -28.81 29.13 6.07
N PHE B 154 -28.65 28.14 5.23
CA PHE B 154 -27.75 28.24 4.12
C PHE B 154 -28.46 28.69 2.83
N ALA B 155 -29.69 29.22 2.92
CA ALA B 155 -30.46 29.59 1.72
C ALA B 155 -29.71 30.44 0.69
N ASP B 156 -28.77 31.28 1.11
CA ASP B 156 -28.06 32.17 0.20
C ASP B 156 -26.90 31.49 -0.52
N GLN B 157 -26.87 30.17 -0.53
CA GLN B 157 -25.92 29.46 -1.37
C GLN B 157 -26.74 29.06 -2.60
N PRO B 158 -26.45 29.68 -3.76
CA PRO B 158 -27.26 29.54 -4.97
C PRO B 158 -27.19 28.16 -5.60
N ASN B 159 -26.05 27.49 -5.51
CA ASN B 159 -26.03 26.12 -5.96
C ASN B 159 -26.82 25.27 -4.96
N ALA B 160 -28.07 24.96 -5.33
CA ALA B 160 -28.99 24.23 -4.47
C ALA B 160 -28.38 22.90 -4.08
N ILE B 161 -27.82 22.22 -5.07
CA ILE B 161 -27.14 20.97 -4.85
C ILE B 161 -26.11 21.06 -3.71
N LEU B 162 -25.24 22.06 -3.77
CA LEU B 162 -24.12 22.19 -2.82
C LEU B 162 -24.65 22.63 -1.45
N ARG B 163 -25.75 23.38 -1.45
CA ARG B 163 -26.49 23.74 -0.23
C ARG B 163 -26.99 22.49 0.50
N ARG B 164 -27.70 21.66 -0.25
CA ARG B 164 -28.23 20.41 0.25
C ARG B 164 -27.16 19.58 0.91
N LYS B 165 -26.01 19.54 0.26
CA LYS B 165 -24.89 18.80 0.75
C LYS B 165 -24.35 19.44 2.05
N GLN B 166 -24.24 20.76 2.09
CA GLN B 166 -23.76 21.47 3.27
C GLN B 166 -24.69 21.20 4.48
N ALA B 167 -25.97 21.14 4.22
CA ALA B 167 -26.95 20.80 5.22
C ALA B 167 -26.85 19.34 5.64
N ARG B 168 -26.89 18.47 4.65
CA ARG B 168 -26.92 17.04 4.88
C ARG B 168 -25.71 16.58 5.70
N GLN B 169 -24.53 17.10 5.40
CA GLN B 169 -23.33 16.56 6.03
C GLN B 169 -23.25 16.97 7.49
N ALA B 170 -23.83 18.11 7.84
CA ALA B 170 -23.96 18.53 9.23
C ALA B 170 -25.08 17.71 9.92
N ALA B 171 -26.25 17.61 9.31
CA ALA B 171 -27.37 16.93 9.93
C ALA B 171 -27.07 15.46 10.21
N ARG B 172 -26.28 14.78 9.38
CA ARG B 172 -25.98 13.36 9.64
C ARG B 172 -25.19 13.14 10.93
N ALA B 173 -24.68 14.23 11.48
CA ALA B 173 -24.15 14.25 12.84
C ALA B 173 -24.93 13.34 13.77
N VAL B 174 -26.28 13.39 13.70
CA VAL B 174 -27.15 12.63 14.65
C VAL B 174 -27.43 11.18 14.31
N LEU B 175 -27.03 10.70 13.13
CA LEU B 175 -27.43 9.32 12.75
C LEU B 175 -26.64 8.30 13.59
N PRO B 176 -27.26 7.20 13.99
CA PRO B 176 -26.51 6.30 14.92
C PRO B 176 -25.52 5.39 14.18
N ASN B 177 -24.65 4.70 14.89
CA ASN B 177 -23.71 3.73 14.31
C ASN B 177 -24.35 2.60 13.55
N ALA B 178 -25.53 2.18 14.04
CA ALA B 178 -26.31 1.12 13.48
C ALA B 178 -26.93 1.48 12.12
N THR B 179 -26.85 2.73 11.68
CA THR B 179 -27.43 3.08 10.41
C THR B 179 -26.84 2.21 9.29
N GLU B 180 -27.70 1.69 8.42
CA GLU B 180 -27.26 0.80 7.35
C GLU B 180 -26.43 1.58 6.36
N THR B 181 -25.29 1.02 5.95
CA THR B 181 -24.60 1.53 4.79
C THR B 181 -24.56 0.47 3.72
N ARG B 182 -23.98 0.83 2.58
CA ARG B 182 -23.84 -0.09 1.47
C ARG B 182 -22.48 0.18 0.86
N ILE B 183 -21.80 -0.88 0.47
CA ILE B 183 -20.42 -0.73 0.05
C ILE B 183 -19.98 -1.79 -1.00
N VAL B 184 -19.22 -1.35 -2.02
CA VAL B 184 -18.60 -2.30 -2.93
C VAL B 184 -17.19 -2.53 -2.40
N VAL B 185 -16.80 -3.79 -2.20
CA VAL B 185 -15.50 -4.13 -1.65
C VAL B 185 -14.78 -5.02 -2.66
N THR B 186 -13.56 -4.64 -3.02
CA THR B 186 -12.79 -5.42 -3.98
C THR B 186 -11.47 -5.80 -3.31
N GLY B 187 -11.13 -7.08 -3.40
CA GLY B 187 -9.93 -7.61 -2.78
C GLY B 187 -9.35 -8.76 -3.57
N ASN B 188 -8.04 -8.88 -3.56
CA ASN B 188 -7.41 -10.05 -4.15
C ASN B 188 -7.37 -11.18 -3.13
N TYR B 189 -7.16 -12.43 -3.59
CA TYR B 189 -7.28 -13.62 -2.73
C TYR B 189 -6.46 -13.46 -1.45
N ARG B 190 -5.29 -12.89 -1.58
CA ARG B 190 -4.43 -12.73 -0.43
C ARG B 190 -5.04 -11.72 0.54
N ALA B 191 -5.51 -10.59 0.03
CA ALA B 191 -6.21 -9.59 0.86
C ALA B 191 -7.42 -10.22 1.56
N TRP B 192 -8.18 -11.01 0.81
CA TRP B 192 -9.35 -11.72 1.39
C TRP B 192 -8.92 -12.68 2.48
N ARG B 193 -7.92 -13.53 2.22
CA ARG B 193 -7.46 -14.46 3.29
C ARG B 193 -7.07 -13.78 4.57
N HIS B 194 -6.30 -12.71 4.47
CA HIS B 194 -5.90 -12.01 5.71
C HIS B 194 -7.12 -11.38 6.42
N PHE B 195 -8.09 -10.90 5.64
CA PHE B 195 -9.29 -10.29 6.25
C PHE B 195 -10.12 -11.32 7.04
N ILE B 196 -10.29 -12.49 6.42
CA ILE B 196 -10.97 -13.61 7.06
C ILE B 196 -10.16 -14.09 8.31
N ALA B 197 -8.88 -14.35 8.13
CA ALA B 197 -8.05 -14.70 9.30
C ALA B 197 -8.38 -13.77 10.46
N MET B 198 -8.52 -12.50 10.16
CA MET B 198 -8.43 -11.50 11.18
C MET B 198 -9.80 -11.19 11.78
N ARG B 199 -10.83 -11.18 10.95
CA ARG B 199 -12.12 -10.74 11.40
C ARG B 199 -13.05 -11.92 11.69
N ALA B 200 -12.69 -13.11 11.23
CA ALA B 200 -13.48 -14.29 11.54
C ALA B 200 -13.02 -15.02 12.81
N SER B 201 -12.13 -14.42 13.59
CA SER B 201 -11.67 -15.04 14.83
C SER B 201 -12.63 -14.68 15.96
N GLU B 202 -12.41 -15.32 17.12
CA GLU B 202 -13.29 -15.18 18.28
C GLU B 202 -13.19 -13.77 18.77
N HIS B 203 -12.01 -13.18 18.56
CA HIS B 203 -11.69 -11.84 19.02
C HIS B 203 -12.46 -10.73 18.32
N ALA B 204 -12.90 -10.98 17.09
CA ALA B 204 -13.54 -9.96 16.28
C ALA B 204 -14.95 -9.70 16.79
N ASP B 205 -15.40 -8.46 16.67
CA ASP B 205 -16.80 -8.11 16.89
C ASP B 205 -17.66 -9.06 16.07
N VAL B 206 -18.87 -9.35 16.58
CA VAL B 206 -19.73 -10.37 15.97
C VAL B 206 -20.27 -9.94 14.59
N GLU B 207 -20.61 -8.67 14.40
CA GLU B 207 -21.13 -8.27 13.08
C GLU B 207 -20.11 -8.50 11.94
N ILE B 208 -18.86 -8.10 12.16
CA ILE B 208 -17.85 -8.23 11.12
C ILE B 208 -17.43 -9.66 10.99
N ARG B 209 -17.56 -10.44 12.05
CA ARG B 209 -17.34 -11.90 11.98
C ARG B 209 -18.34 -12.54 11.02
N ARG B 210 -19.58 -12.12 11.14
CA ARG B 210 -20.65 -12.63 10.32
C ARG B 210 -20.36 -12.34 8.86
N LEU B 211 -19.98 -11.11 8.58
CA LEU B 211 -19.62 -10.71 7.25
C LEU B 211 -18.45 -11.53 6.69
N ALA B 212 -17.38 -11.64 7.46
CA ALA B 212 -16.19 -12.37 7.05
C ALA B 212 -16.54 -13.81 6.66
N ILE B 213 -17.32 -14.48 7.52
CA ILE B 213 -17.73 -15.86 7.29
C ILE B 213 -18.54 -15.97 5.99
N GLU B 214 -19.43 -15.03 5.74
CA GLU B 214 -20.24 -15.07 4.51
C GLU B 214 -19.34 -14.87 3.28
N CYS B 215 -18.31 -14.02 3.43
CA CYS B 215 -17.33 -13.79 2.37
C CYS B 215 -16.55 -15.05 2.09
N LEU B 216 -16.08 -15.69 3.15
CA LEU B 216 -15.41 -16.98 3.04
C LEU B 216 -16.30 -18.02 2.32
N ARG B 217 -17.55 -18.12 2.75
CA ARG B 217 -18.48 -19.03 2.12
C ARG B 217 -18.46 -18.79 0.61
N GLN B 218 -18.65 -17.57 0.17
CA GLN B 218 -18.81 -17.31 -1.26
C GLN B 218 -17.47 -17.35 -2.02
N LEU B 219 -16.39 -16.93 -1.37
CA LEU B 219 -15.06 -17.04 -1.95
C LEU B 219 -14.61 -18.48 -2.10
N ALA B 220 -15.04 -19.34 -1.17
CA ALA B 220 -14.73 -20.77 -1.24
C ALA B 220 -15.47 -21.42 -2.42
N ALA B 221 -16.66 -20.91 -2.73
CA ALA B 221 -17.37 -21.36 -3.93
C ALA B 221 -16.62 -21.06 -5.23
N VAL B 222 -15.77 -20.04 -5.21
CA VAL B 222 -15.13 -19.53 -6.42
C VAL B 222 -13.71 -20.08 -6.51
N ALA B 223 -13.01 -20.16 -5.39
CA ALA B 223 -11.63 -20.63 -5.36
C ALA B 223 -11.42 -21.67 -4.29
N PRO B 224 -12.19 -22.78 -4.35
CA PRO B 224 -12.17 -23.82 -3.29
C PRO B 224 -10.78 -24.11 -2.73
N ALA B 225 -9.79 -24.28 -3.59
CA ALA B 225 -8.44 -24.63 -3.13
C ALA B 225 -7.77 -23.51 -2.33
N VAL B 226 -8.06 -22.25 -2.68
CA VAL B 226 -7.37 -21.10 -2.06
C VAL B 226 -7.83 -20.95 -0.60
N PHE B 227 -9.11 -21.22 -0.36
CA PHE B 227 -9.71 -21.03 0.96
C PHE B 227 -9.99 -22.33 1.73
N ALA B 228 -9.59 -23.47 1.17
CA ALA B 228 -9.92 -24.79 1.76
C ALA B 228 -9.40 -24.98 3.20
N ASP B 229 -8.28 -24.37 3.53
CA ASP B 229 -7.75 -24.48 4.90
C ASP B 229 -8.53 -23.70 5.98
N PHE B 230 -9.54 -22.93 5.60
CA PHE B 230 -10.36 -22.23 6.59
C PHE B 230 -11.52 -23.09 7.03
N GLU B 231 -11.66 -23.18 8.36
CA GLU B 231 -12.55 -24.13 9.04
C GLU B 231 -13.61 -23.37 9.79
N VAL B 232 -14.88 -23.50 9.39
CA VAL B 232 -15.99 -22.89 10.11
C VAL B 232 -16.50 -23.72 11.32
N THR B 233 -16.06 -23.32 12.49
CA THR B 233 -16.53 -23.89 13.72
C THR B 233 -17.67 -23.04 14.31
N THR B 234 -18.56 -23.69 15.09
CA THR B 234 -19.47 -22.97 15.96
C THR B 234 -18.87 -22.88 17.36
N LEU B 235 -19.14 -21.78 18.06
CA LEU B 235 -18.69 -21.59 19.43
C LEU B 235 -19.76 -21.91 20.49
N ALA B 236 -19.32 -21.93 21.76
CA ALA B 236 -20.21 -22.14 22.92
C ALA B 236 -21.43 -21.22 22.92
N ASP B 237 -21.29 -20.00 22.40
CA ASP B 237 -22.37 -19.01 22.42
C ASP B 237 -23.27 -18.95 21.19
N GLY B 238 -23.16 -19.95 20.31
CA GLY B 238 -23.97 -19.97 19.06
C GLY B 238 -23.33 -19.35 17.81
N THR B 239 -22.35 -18.44 17.98
CA THR B 239 -21.75 -17.71 16.84
C THR B 239 -20.68 -18.53 16.12
N GLU B 240 -20.47 -18.22 14.84
CA GLU B 240 -19.48 -18.90 14.00
C GLU B 240 -18.13 -18.17 13.91
N VAL B 241 -17.05 -18.94 13.84
CA VAL B 241 -15.68 -18.45 13.66
C VAL B 241 -15.01 -19.25 12.56
N ALA B 242 -13.95 -18.69 11.96
CA ALA B 242 -13.21 -19.39 10.89
C ALA B 242 -11.73 -19.31 11.15
N THR B 243 -11.01 -20.42 11.01
CA THR B 243 -9.61 -20.47 11.40
C THR B 243 -8.76 -21.39 10.51
N SER B 244 -7.46 -21.07 10.42
CA SER B 244 -6.45 -21.93 9.75
C SER B 244 -5.31 -22.33 10.70
N ALA C 2 -24.66 17.18 27.21
CA ALA C 2 -23.43 16.65 26.55
C ALA C 2 -22.36 17.70 26.65
N GLU C 3 -21.12 17.31 26.92
CA GLU C 3 -19.98 18.22 26.77
C GLU C 3 -19.56 18.19 25.28
N THR C 4 -19.11 19.31 24.75
CA THR C 4 -18.65 19.36 23.38
C THR C 4 -17.12 19.32 23.40
N ALA C 5 -16.52 18.88 22.30
CA ALA C 5 -15.07 18.73 22.19
C ALA C 5 -14.57 19.58 21.01
N PRO C 6 -13.63 20.49 21.27
CA PRO C 6 -13.03 21.20 20.17
C PRO C 6 -11.96 20.34 19.54
N LEU C 7 -11.78 20.47 18.23
CA LEU C 7 -10.69 19.84 17.52
C LEU C 7 -9.40 20.30 18.09
N ARG C 8 -8.52 19.35 18.33
CA ARG C 8 -7.17 19.64 18.71
C ARG C 8 -6.20 18.64 18.08
N VAL C 9 -5.23 19.19 17.38
CA VAL C 9 -4.23 18.42 16.67
C VAL C 9 -2.85 18.65 17.30
N GLN C 10 -2.22 17.62 17.84
CA GLN C 10 -0.93 17.79 18.51
C GLN C 10 0.17 16.96 17.88
N LEU C 11 1.26 17.63 17.49
CA LEU C 11 2.40 16.93 16.86
C LEU C 11 3.11 16.17 17.94
N ILE C 12 3.15 14.85 17.85
CA ILE C 12 3.79 14.00 18.87
C ILE C 12 5.04 13.24 18.38
N ALA C 13 5.40 13.38 17.11
CA ALA C 13 6.55 12.63 16.57
C ALA C 13 6.98 13.17 15.22
N LYS C 14 8.27 13.20 14.99
CA LYS C 14 8.77 13.57 13.72
C LYS C 14 10.14 12.92 13.55
N THR C 15 10.75 13.14 12.39
CA THR C 15 11.94 12.38 12.07
C THR C 15 13.13 13.05 12.71
N ASP C 16 14.01 12.24 13.26
CA ASP C 16 15.31 12.72 13.69
C ASP C 16 16.35 12.16 12.73
N PHE C 17 17.06 13.05 12.05
CA PHE C 17 18.03 12.69 11.00
C PHE C 17 19.48 12.78 11.48
N LEU C 18 20.22 11.69 11.31
CA LEU C 18 21.62 11.57 11.68
C LEU C 18 22.50 11.36 10.45
N ALA C 19 22.96 12.46 9.86
CA ALA C 19 23.83 12.41 8.67
C ALA C 19 24.97 11.40 8.81
N PRO C 20 25.20 10.56 7.78
CA PRO C 20 26.37 9.71 7.82
C PRO C 20 27.63 10.59 7.60
N PRO C 21 28.65 10.43 8.47
CA PRO C 21 29.73 11.43 8.52
C PRO C 21 30.78 11.23 7.43
N ASP C 22 30.83 10.02 6.85
CA ASP C 22 31.64 9.71 5.66
C ASP C 22 30.97 10.01 4.27
N VAL C 23 30.00 10.91 4.23
CA VAL C 23 29.49 11.37 2.96
C VAL C 23 29.84 12.84 2.91
N PRO C 24 30.60 13.25 1.89
CA PRO C 24 31.07 14.62 1.85
C PRO C 24 29.95 15.60 1.57
N TRP C 25 29.09 15.80 2.56
CA TRP C 25 27.87 16.55 2.34
C TRP C 25 27.34 17.16 3.63
N THR C 26 26.78 18.34 3.49
CA THR C 26 26.07 18.97 4.59
C THR C 26 25.00 19.81 3.99
N THR C 27 24.10 20.35 4.83
CA THR C 27 23.08 21.25 4.32
C THR C 27 22.56 22.16 5.40
N ASP C 28 21.79 23.20 5.03
CA ASP C 28 21.30 24.18 6.02
C ASP C 28 19.97 23.81 6.71
N ALA C 29 19.92 22.64 7.34
CA ALA C 29 18.65 22.12 7.85
C ALA C 29 18.91 20.82 8.55
N ASP C 30 17.92 20.33 9.28
CA ASP C 30 17.99 19.04 9.96
C ASP C 30 16.63 18.33 9.83
N GLY C 31 16.45 17.23 10.55
CA GLY C 31 15.20 16.47 10.55
C GLY C 31 14.75 15.94 9.18
N GLY C 32 13.44 15.69 9.10
CA GLY C 32 12.79 15.26 7.86
C GLY C 32 13.37 15.95 6.63
N PRO C 33 13.35 17.29 6.63
CA PRO C 33 13.81 18.05 5.47
C PRO C 33 15.22 17.71 5.05
N ALA C 34 16.08 17.35 6.00
CA ALA C 34 17.46 17.04 5.67
C ALA C 34 17.55 15.65 5.12
N LEU C 35 16.83 14.73 5.73
CA LEU C 35 16.77 13.34 5.20
C LEU C 35 16.35 13.33 3.71
N VAL C 36 15.33 14.10 3.40
CA VAL C 36 14.82 14.16 2.05
C VAL C 36 15.86 14.64 1.06
N GLU C 37 16.64 15.66 1.42
CA GLU C 37 17.68 16.09 0.51
C GLU C 37 18.72 14.97 0.39
N PHE C 38 19.02 14.32 1.49
CA PHE C 38 20.02 13.28 1.47
C PHE C 38 19.60 12.18 0.51
N ALA C 39 18.37 11.71 0.65
CA ALA C 39 17.85 10.58 -0.18
C ALA C 39 17.87 10.91 -1.67
N GLY C 40 17.50 12.15 -2.00
CA GLY C 40 17.54 12.64 -3.37
C GLY C 40 18.93 12.65 -3.98
N ARG C 41 19.89 13.18 -3.23
CA ARG C 41 21.27 13.25 -3.62
C ARG C 41 21.89 11.88 -3.76
N ALA C 42 21.47 10.95 -2.89
CA ALA C 42 21.87 9.55 -3.01
C ALA C 42 21.51 8.91 -4.37
N CYS C 43 20.44 9.37 -5.01
CA CYS C 43 20.05 8.84 -6.31
C CYS C 43 21.10 9.15 -7.38
N TYR C 44 21.70 10.33 -7.26
CA TYR C 44 22.62 10.82 -8.26
C TYR C 44 24.03 10.90 -7.70
N GLN C 45 24.25 10.38 -6.50
CA GLN C 45 25.51 10.56 -5.78
C GLN C 45 26.04 11.97 -5.88
N SER C 46 25.13 12.95 -5.77
CA SER C 46 25.44 14.34 -6.01
C SER C 46 25.73 15.12 -4.72
N TRP C 47 26.90 14.90 -4.12
CA TRP C 47 27.21 15.48 -2.82
C TRP C 47 27.75 16.91 -2.87
N SER C 48 28.30 17.32 -4.01
CA SER C 48 29.07 18.57 -4.08
C SER C 48 28.24 19.83 -4.33
N LYS C 49 27.03 19.69 -4.85
CA LYS C 49 26.09 20.82 -5.01
C LYS C 49 26.49 21.87 -6.09
N PRO C 50 26.82 21.42 -7.31
CA PRO C 50 27.22 22.36 -8.38
C PRO C 50 26.24 23.53 -8.67
N ASN C 51 24.94 23.24 -8.67
CA ASN C 51 23.95 24.28 -9.02
C ASN C 51 23.61 25.12 -7.77
N PRO C 52 23.92 26.45 -7.80
CA PRO C 52 23.61 27.30 -6.62
C PRO C 52 22.13 27.43 -6.32
N LYS C 53 21.31 27.19 -7.35
CA LYS C 53 19.86 27.29 -7.20
C LYS C 53 19.33 26.20 -6.27
N THR C 54 19.99 25.04 -6.28
CA THR C 54 19.62 23.92 -5.41
C THR C 54 20.65 23.71 -4.29
N ALA C 55 21.45 24.75 -4.02
CA ALA C 55 22.53 24.70 -3.03
C ALA C 55 22.04 24.75 -1.57
N THR C 56 20.88 25.34 -1.35
CA THR C 56 20.30 25.34 0.00
C THR C 56 19.29 24.20 0.04
N ASN C 57 18.81 23.89 1.25
CA ASN C 57 17.87 22.80 1.46
C ASN C 57 16.47 23.12 0.92
N ALA C 58 15.98 24.32 1.18
CA ALA C 58 14.68 24.73 0.62
C ALA C 58 14.74 24.79 -0.92
N GLY C 59 15.89 25.20 -1.47
CA GLY C 59 16.06 25.29 -2.91
C GLY C 59 16.01 23.89 -3.52
N TYR C 60 16.69 22.96 -2.89
CA TYR C 60 16.71 21.59 -3.34
C TYR C 60 15.31 20.99 -3.24
N LEU C 61 14.66 21.16 -2.10
CA LEU C 61 13.34 20.59 -1.92
C LEU C 61 12.34 21.15 -2.92
N ARG C 62 12.34 22.44 -3.14
CA ARG C 62 11.36 23.00 -4.06
C ARG C 62 11.56 22.42 -5.45
N HIS C 63 12.82 22.11 -5.79
CA HIS C 63 13.13 21.47 -7.06
C HIS C 63 12.59 20.03 -7.13
N ILE C 64 12.72 19.29 -6.03
CA ILE C 64 12.20 17.96 -5.91
C ILE C 64 10.68 18.00 -6.17
N ILE C 65 10.00 18.86 -5.43
CA ILE C 65 8.58 19.04 -5.66
C ILE C 65 8.35 19.40 -7.14
N ASP C 66 9.01 20.43 -7.64
CA ASP C 66 8.73 20.98 -8.98
C ASP C 66 8.87 19.97 -10.12
N VAL C 67 9.72 18.98 -9.89
CA VAL C 67 10.10 18.03 -10.90
C VAL C 67 9.38 16.67 -10.64
N GLY C 68 8.59 16.61 -9.58
CA GLY C 68 7.71 15.48 -9.30
C GLY C 68 8.35 14.29 -8.64
N HIS C 69 9.53 14.46 -8.07
CA HIS C 69 10.21 13.30 -7.49
C HIS C 69 9.70 13.05 -6.05
N PHE C 70 8.48 12.55 -5.95
CA PHE C 70 7.80 12.57 -4.67
C PHE C 70 8.19 11.40 -3.78
N SER C 71 8.74 10.36 -4.39
CA SER C 71 9.28 9.21 -3.68
C SER C 71 10.23 9.62 -2.53
N VAL C 72 11.13 10.53 -2.80
CA VAL C 72 12.09 10.97 -1.81
C VAL C 72 11.39 11.54 -0.56
N LEU C 73 10.20 12.11 -0.72
CA LEU C 73 9.43 12.65 0.42
C LEU C 73 8.95 11.58 1.35
N GLU C 74 9.02 10.32 0.95
CA GLU C 74 8.46 9.25 1.79
C GLU C 74 9.34 8.89 3.02
N HIS C 75 10.61 9.27 3.01
CA HIS C 75 11.51 8.88 4.09
C HIS C 75 11.23 9.62 5.45
N ALA C 76 10.65 10.80 5.37
CA ALA C 76 10.39 11.63 6.55
C ALA C 76 8.93 11.52 6.91
N SER C 77 8.65 11.33 8.21
CA SER C 77 7.27 11.32 8.70
C SER C 77 7.01 12.25 9.87
N VAL C 78 5.69 12.37 10.15
CA VAL C 78 5.17 13.15 11.24
C VAL C 78 3.93 12.43 11.80
N SER C 79 3.87 12.39 13.14
CA SER C 79 2.78 11.75 13.86
C SER C 79 1.98 12.82 14.57
N PHE C 80 0.68 12.58 14.70
CA PHE C 80 -0.20 13.51 15.38
C PHE C 80 -1.13 12.72 16.30
N TYR C 81 -1.49 13.29 17.46
CA TYR C 81 -2.61 12.83 18.31
C TYR C 81 -3.73 13.80 18.10
N ILE C 82 -4.86 13.30 17.62
CA ILE C 82 -5.98 14.15 17.28
C ILE C 82 -7.16 13.85 18.17
N THR C 83 -7.69 14.89 18.78
CA THR C 83 -8.83 14.75 19.66
C THR C 83 -9.92 15.77 19.21
N GLY C 84 -11.13 15.62 19.75
CA GLY C 84 -12.27 16.42 19.29
C GLY C 84 -12.50 16.29 17.80
N ILE C 85 -12.42 15.05 17.31
CA ILE C 85 -12.74 14.69 15.92
C ILE C 85 -13.91 13.71 15.98
N SER C 86 -14.95 13.91 15.17
CA SER C 86 -16.11 13.00 15.15
C SER C 86 -15.78 11.62 14.54
N ARG C 87 -16.59 10.64 14.89
CA ARG C 87 -16.55 9.34 14.25
C ARG C 87 -16.76 9.42 12.74
N SER C 88 -17.70 10.22 12.28
CA SER C 88 -17.87 10.30 10.85
C SER C 88 -16.63 10.89 10.22
N CYS C 89 -15.95 11.80 10.91
CA CYS C 89 -14.78 12.41 10.31
C CYS C 89 -13.64 11.42 10.23
N THR C 90 -13.44 10.62 11.26
CA THR C 90 -12.38 9.62 11.19
C THR C 90 -12.78 8.56 10.17
N HIS C 91 -14.08 8.37 9.95
CA HIS C 91 -14.53 7.37 9.01
C HIS C 91 -14.16 7.80 7.58
N GLU C 92 -14.05 9.11 7.32
CA GLU C 92 -13.43 9.63 6.08
C GLU C 92 -11.90 9.57 6.12
N LEU C 93 -11.31 9.92 7.27
CA LEU C 93 -9.87 9.92 7.39
C LEU C 93 -9.29 8.54 7.02
N ILE C 94 -9.85 7.49 7.61
CA ILE C 94 -9.23 6.18 7.50
C ILE C 94 -9.30 5.57 6.10
N ARG C 95 -10.01 6.21 5.18
CA ARG C 95 -9.99 5.81 3.78
C ARG C 95 -8.63 6.03 3.17
N HIS C 96 -7.78 6.84 3.77
CA HIS C 96 -6.43 7.06 3.25
C HIS C 96 -5.49 5.98 3.70
N ARG C 97 -4.98 5.23 2.73
CA ARG C 97 -4.39 3.93 3.00
C ARG C 97 -2.89 3.92 3.23
N HIS C 98 -2.24 5.08 3.06
CA HIS C 98 -0.81 5.19 3.35
C HIS C 98 -0.60 6.00 4.63
N PHE C 99 -1.53 5.89 5.55
CA PHE C 99 -1.32 6.36 6.90
C PHE C 99 -1.42 5.16 7.81
N SER C 100 -0.86 5.30 9.00
CA SER C 100 -1.02 4.32 10.04
C SER C 100 -1.85 4.94 11.16
N TYR C 101 -2.77 4.15 11.71
CA TYR C 101 -3.76 4.66 12.62
C TYR C 101 -3.83 3.81 13.89
N SER C 102 -4.00 4.50 15.03
CA SER C 102 -4.39 3.90 16.32
C SER C 102 -5.53 4.72 16.95
N GLN C 103 -6.64 4.05 17.19
CA GLN C 103 -7.87 4.75 17.46
C GLN C 103 -8.57 4.23 18.73
N LEU C 104 -9.05 5.18 19.54
CA LEU C 104 -9.97 4.87 20.62
C LEU C 104 -11.09 3.94 20.11
N SER C 105 -11.11 2.74 20.64
CA SER C 105 -12.14 1.72 20.30
C SER C 105 -13.40 1.86 21.17
N GLN C 106 -14.57 1.94 20.55
CA GLN C 106 -15.79 1.93 21.35
C GLN C 106 -16.05 0.53 21.93
N ARG C 107 -15.28 -0.48 21.52
CA ARG C 107 -15.43 -1.83 22.09
C ARG C 107 -14.74 -1.95 23.46
N TYR C 108 -13.77 -1.09 23.71
CA TYR C 108 -12.95 -1.13 24.92
C TYR C 108 -13.19 0.07 25.83
N VAL C 109 -13.63 1.20 25.31
CA VAL C 109 -13.70 2.39 26.12
C VAL C 109 -15.16 2.70 26.46
N PRO C 110 -15.44 2.94 27.74
CA PRO C 110 -16.82 3.20 28.09
C PRO C 110 -17.22 4.55 27.55
N GLU C 111 -18.44 4.64 27.00
CA GLU C 111 -18.88 5.82 26.27
C GLU C 111 -20.06 6.54 26.94
N LYS C 112 -20.46 6.11 28.15
CA LYS C 112 -21.59 6.72 28.89
C LYS C 112 -21.57 8.25 28.86
N ASP C 113 -20.38 8.83 28.96
CA ASP C 113 -20.18 10.27 29.08
C ASP C 113 -19.36 10.86 27.92
N SER C 114 -19.37 10.22 26.75
CA SER C 114 -18.62 10.76 25.60
C SER C 114 -19.05 12.16 25.25
N ARG C 115 -18.08 12.95 24.85
CA ARG C 115 -18.33 14.26 24.30
C ARG C 115 -18.84 14.13 22.87
N VAL C 116 -19.43 15.21 22.37
CA VAL C 116 -19.89 15.30 21.02
C VAL C 116 -19.02 16.31 20.28
N VAL C 117 -18.81 16.08 18.98
CA VAL C 117 -18.13 17.06 18.12
C VAL C 117 -19.14 17.82 17.27
N VAL C 118 -19.13 19.13 17.33
CA VAL C 118 -20.14 19.90 16.61
C VAL C 118 -19.72 20.16 15.18
N PRO C 119 -20.57 19.75 14.21
CA PRO C 119 -20.29 20.05 12.80
C PRO C 119 -19.97 21.51 12.61
N PRO C 120 -18.93 21.80 11.84
CA PRO C 120 -18.58 23.21 11.70
C PRO C 120 -19.70 24.13 11.19
N GLY C 121 -20.61 23.59 10.41
CA GLY C 121 -21.71 24.38 9.87
C GLY C 121 -22.76 24.77 10.90
N MET C 122 -22.65 24.25 12.13
CA MET C 122 -23.55 24.65 13.18
C MET C 122 -22.86 25.15 14.45
N GLU C 123 -21.53 25.14 14.45
CA GLU C 123 -20.68 25.69 15.51
C GLU C 123 -21.11 26.98 16.14
N ASP C 124 -21.58 27.92 15.31
CA ASP C 124 -21.86 29.29 15.75
C ASP C 124 -23.35 29.55 16.03
N ASP C 125 -24.11 28.48 16.24
CA ASP C 125 -25.53 28.57 16.35
C ASP C 125 -26.00 27.71 17.56
N ALA C 126 -26.22 28.41 18.65
CA ALA C 126 -26.67 27.80 19.90
C ALA C 126 -27.91 26.90 19.72
N ASP C 127 -28.83 27.27 18.84
CA ASP C 127 -30.02 26.44 18.59
C ASP C 127 -29.72 25.07 17.98
N LEU C 128 -29.01 25.07 16.87
CA LEU C 128 -28.67 23.83 16.23
C LEU C 128 -27.82 22.97 17.15
N ARG C 129 -26.90 23.60 17.87
CA ARG C 129 -26.03 22.88 18.77
C ARG C 129 -26.82 22.16 19.84
N HIS C 130 -27.82 22.84 20.40
CA HIS C 130 -28.66 22.24 21.47
C HIS C 130 -29.57 21.15 20.96
N ILE C 131 -30.02 21.26 19.73
CA ILE C 131 -30.76 20.18 19.11
C ILE C 131 -29.86 18.93 19.04
N LEU C 132 -28.62 19.10 18.58
CA LEU C 132 -27.66 17.98 18.52
C LEU C 132 -27.32 17.50 19.91
N THR C 133 -27.03 18.41 20.84
CA THR C 133 -26.61 17.92 22.17
C THR C 133 -27.69 17.16 22.94
N GLU C 134 -28.94 17.57 22.81
CA GLU C 134 -30.04 16.90 23.46
C GLU C 134 -30.27 15.57 22.79
N ALA C 135 -30.09 15.50 21.49
CA ALA C 135 -30.31 14.22 20.82
C ALA C 135 -29.21 13.25 21.21
N ALA C 136 -27.99 13.74 21.39
CA ALA C 136 -26.86 12.95 21.91
C ALA C 136 -27.08 12.53 23.33
N ASP C 137 -27.59 13.44 24.17
CA ASP C 137 -27.85 13.06 25.59
C ASP C 137 -28.79 11.87 25.62
N ALA C 138 -29.84 11.93 24.80
CA ALA C 138 -30.78 10.81 24.66
C ALA C 138 -30.11 9.58 24.18
N ALA C 139 -29.18 9.71 23.23
CA ALA C 139 -28.55 8.54 22.68
C ALA C 139 -27.64 7.84 23.72
N ARG C 140 -26.94 8.61 24.53
CA ARG C 140 -26.14 8.05 25.65
C ARG C 140 -27.03 7.41 26.71
N ALA C 141 -28.11 8.10 27.09
CA ALA C 141 -29.07 7.51 28.03
C ALA C 141 -29.49 6.17 27.48
N THR C 142 -29.82 6.10 26.20
CA THR C 142 -30.23 4.80 25.62
C THR C 142 -29.06 3.82 25.65
N TYR C 143 -27.88 4.28 25.23
CA TYR C 143 -26.65 3.49 25.31
C TYR C 143 -26.52 2.76 26.66
N SER C 144 -26.60 3.56 27.72
CA SER C 144 -26.52 3.05 29.12
C SER C 144 -27.60 2.01 29.45
N GLU C 145 -28.80 2.21 28.92
CA GLU C 145 -29.89 1.33 29.19
C GLU C 145 -29.54 0.01 28.59
N LEU C 146 -29.18 0.03 27.31
CA LEU C 146 -28.80 -1.16 26.55
C LEU C 146 -27.61 -1.89 27.15
N LEU C 147 -26.67 -1.15 27.71
CA LEU C 147 -25.44 -1.76 28.23
C LEU C 147 -25.78 -2.67 29.40
N ALA C 148 -26.53 -2.14 30.36
CA ALA C 148 -26.90 -2.87 31.59
C ALA C 148 -27.67 -4.10 31.20
N LYS C 149 -28.58 -3.95 30.23
CA LYS C 149 -29.35 -5.07 29.74
C LYS C 149 -28.50 -6.11 29.01
N LEU C 150 -27.52 -5.68 28.22
CA LEU C 150 -26.71 -6.69 27.53
C LEU C 150 -25.77 -7.35 28.52
N GLU C 151 -25.27 -6.61 29.50
CA GLU C 151 -24.45 -7.24 30.52
C GLU C 151 -25.25 -8.32 31.27
N ALA C 152 -26.56 -8.09 31.44
CA ALA C 152 -27.42 -9.07 32.09
C ALA C 152 -27.58 -10.23 31.15
N LYS C 153 -27.91 -9.91 29.90
CA LYS C 153 -28.11 -10.90 28.88
C LYS C 153 -26.90 -11.83 28.70
N PHE C 154 -25.69 -11.28 28.82
CA PHE C 154 -24.44 -12.05 28.70
C PHE C 154 -23.77 -12.47 30.04
N ALA C 155 -24.53 -12.43 31.13
CA ALA C 155 -23.98 -12.66 32.46
C ALA C 155 -23.37 -14.05 32.59
N ASP C 156 -23.88 -14.99 31.81
CA ASP C 156 -23.31 -16.33 31.72
C ASP C 156 -21.95 -16.42 31.03
N GLN C 157 -21.43 -15.30 30.53
CA GLN C 157 -20.03 -15.25 30.07
C GLN C 157 -19.19 -14.96 31.30
N PRO C 158 -18.37 -15.93 31.71
CA PRO C 158 -17.67 -15.81 32.98
C PRO C 158 -16.48 -14.87 32.97
N ASN C 159 -15.94 -14.54 31.81
CA ASN C 159 -14.91 -13.52 31.73
C ASN C 159 -15.58 -12.18 31.69
N ALA C 160 -15.49 -11.43 32.77
CA ALA C 160 -16.16 -10.13 32.88
C ALA C 160 -15.59 -9.12 31.88
N ILE C 161 -14.29 -9.23 31.56
CA ILE C 161 -13.70 -8.31 30.56
C ILE C 161 -14.40 -8.53 29.20
N LEU C 162 -14.40 -9.77 28.73
CA LEU C 162 -15.17 -10.11 27.52
C LEU C 162 -16.59 -9.57 27.58
N ARG C 163 -17.29 -9.92 28.66
CA ARG C 163 -18.68 -9.60 28.82
C ARG C 163 -18.94 -8.13 28.54
N ARG C 164 -18.25 -7.25 29.23
CA ARG C 164 -18.44 -5.82 28.98
C ARG C 164 -18.18 -5.47 27.51
N LYS C 165 -17.16 -6.11 26.90
CA LYS C 165 -16.83 -5.93 25.48
C LYS C 165 -18.01 -6.37 24.59
N GLN C 166 -18.52 -7.55 24.91
CA GLN C 166 -19.70 -8.06 24.25
C GLN C 166 -20.89 -7.08 24.36
N ALA C 167 -21.03 -6.43 25.52
CA ALA C 167 -22.13 -5.52 25.75
C ALA C 167 -21.92 -4.18 25.05
N ARG C 168 -20.75 -3.61 25.24
CA ARG C 168 -20.38 -2.30 24.70
C ARG C 168 -20.46 -2.30 23.16
N GLN C 169 -19.88 -3.30 22.53
CA GLN C 169 -19.84 -3.31 21.07
C GLN C 169 -21.27 -3.32 20.47
N ALA C 170 -22.25 -3.81 21.23
CA ALA C 170 -23.65 -3.79 20.79
C ALA C 170 -24.41 -2.51 21.25
N ALA C 171 -24.30 -2.13 22.52
CA ALA C 171 -24.85 -0.85 23.00
C ALA C 171 -24.46 0.30 22.06
N ARG C 172 -23.22 0.31 21.59
CA ARG C 172 -22.74 1.43 20.78
C ARG C 172 -23.52 1.65 19.48
N ALA C 173 -24.39 0.72 19.13
CA ALA C 173 -25.20 0.88 17.94
C ALA C 173 -25.94 2.19 17.90
N VAL C 174 -26.36 2.71 19.06
CA VAL C 174 -27.15 3.93 19.13
C VAL C 174 -26.31 5.19 19.30
N LEU C 175 -25.00 5.06 19.33
CA LEU C 175 -24.16 6.20 19.56
C LEU C 175 -24.14 6.93 18.22
N PRO C 176 -24.12 8.27 18.22
CA PRO C 176 -24.20 9.07 17.00
C PRO C 176 -22.87 9.27 16.27
N ASN C 177 -22.95 9.70 15.00
CA ASN C 177 -21.79 10.05 14.22
C ASN C 177 -20.94 11.11 14.92
N ALA C 178 -21.58 12.04 15.64
CA ALA C 178 -20.90 13.18 16.23
C ALA C 178 -20.08 12.81 17.49
N THR C 179 -20.22 11.57 17.99
CA THR C 179 -19.47 11.10 19.14
C THR C 179 -18.00 11.33 18.89
N GLU C 180 -17.29 11.83 19.90
CA GLU C 180 -15.87 12.10 19.79
C GLU C 180 -15.10 10.82 19.74
N THR C 181 -14.05 10.81 18.92
CA THR C 181 -13.06 9.78 19.03
C THR C 181 -11.72 10.48 19.12
N ARG C 182 -10.67 9.69 19.32
CA ARG C 182 -9.32 10.19 19.43
C ARG C 182 -8.46 9.23 18.66
N ILE C 183 -7.46 9.72 17.95
CA ILE C 183 -6.75 8.83 17.05
C ILE C 183 -5.34 9.31 16.94
N VAL C 184 -4.39 8.37 16.79
CA VAL C 184 -3.01 8.77 16.47
C VAL C 184 -2.81 8.42 15.01
N VAL C 185 -2.36 9.40 14.23
CA VAL C 185 -2.17 9.27 12.79
C VAL C 185 -0.75 9.62 12.38
N THR C 186 -0.11 8.64 11.76
CA THR C 186 1.27 8.79 11.26
C THR C 186 1.27 8.72 9.71
N GLY C 187 1.89 9.71 9.10
CA GLY C 187 2.15 9.66 7.68
C GLY C 187 3.51 10.23 7.31
N ASN C 188 4.06 9.71 6.21
CA ASN C 188 5.20 10.31 5.62
C ASN C 188 4.74 11.54 4.85
N TYR C 189 5.66 12.43 4.46
CA TYR C 189 5.28 13.73 3.92
C TYR C 189 4.44 13.61 2.67
N ARG C 190 4.77 12.63 1.86
CA ARG C 190 4.04 12.38 0.61
C ARG C 190 2.64 11.99 0.98
N ALA C 191 2.46 11.09 1.94
CA ALA C 191 1.09 10.73 2.33
C ALA C 191 0.30 11.99 2.75
N TRP C 192 0.91 12.88 3.55
CA TRP C 192 0.26 14.09 4.02
C TRP C 192 -0.08 15.00 2.86
N ARG C 193 0.85 15.20 1.91
CA ARG C 193 0.51 16.11 0.80
C ARG C 193 -0.76 15.65 0.08
N HIS C 194 -0.89 14.34 -0.18
CA HIS C 194 -2.08 13.81 -0.87
C HIS C 194 -3.32 13.98 -0.03
N PHE C 195 -3.17 13.81 1.29
CA PHE C 195 -4.29 13.99 2.20
C PHE C 195 -4.77 15.42 2.15
N ILE C 196 -3.84 16.38 2.20
CA ILE C 196 -4.20 17.78 2.12
C ILE C 196 -4.93 18.04 0.78
N ALA C 197 -4.33 17.62 -0.34
CA ALA C 197 -4.95 17.83 -1.67
C ALA C 197 -6.37 17.28 -1.79
N MET C 198 -6.62 16.09 -1.26
CA MET C 198 -7.94 15.51 -1.31
C MET C 198 -8.94 16.17 -0.37
N ARG C 199 -8.55 16.35 0.89
CA ARG C 199 -9.51 16.72 1.90
C ARG C 199 -9.50 18.21 2.28
N ALA C 200 -8.64 19.01 1.68
CA ALA C 200 -8.63 20.44 1.92
C ALA C 200 -9.29 21.14 0.76
N SER C 201 -9.92 20.41 -0.15
CA SER C 201 -10.55 21.04 -1.32
C SER C 201 -11.97 21.43 -1.01
N GLU C 202 -12.58 22.22 -1.89
CA GLU C 202 -13.91 22.73 -1.64
C GLU C 202 -14.93 21.61 -1.71
N HIS C 203 -14.56 20.47 -2.27
CA HIS C 203 -15.48 19.34 -2.33
C HIS C 203 -15.55 18.49 -1.04
N ALA C 204 -14.55 18.59 -0.15
CA ALA C 204 -14.56 17.82 1.10
C ALA C 204 -15.56 18.38 2.12
N ASP C 205 -16.15 17.53 2.95
CA ASP C 205 -16.84 17.91 4.22
C ASP C 205 -15.92 18.90 4.98
N VAL C 206 -16.53 19.91 5.60
CA VAL C 206 -15.83 20.95 6.32
C VAL C 206 -15.12 20.47 7.56
N GLU C 207 -15.58 19.41 8.21
CA GLU C 207 -14.82 18.87 9.35
C GLU C 207 -13.46 18.31 8.92
N ILE C 208 -13.43 17.37 7.99
CA ILE C 208 -12.16 16.79 7.51
C ILE C 208 -11.31 17.92 6.90
N ARG C 209 -11.98 18.85 6.27
CA ARG C 209 -11.26 19.94 5.65
C ARG C 209 -10.57 20.81 6.71
N ARG C 210 -11.20 21.04 7.83
CA ARG C 210 -10.53 21.87 8.78
C ARG C 210 -9.34 21.10 9.43
N LEU C 211 -9.51 19.79 9.63
CA LEU C 211 -8.40 18.93 10.00
C LEU C 211 -7.25 18.99 9.01
N ALA C 212 -7.58 18.98 7.71
CA ALA C 212 -6.54 18.96 6.68
C ALA C 212 -5.72 20.21 6.81
N ILE C 213 -6.40 21.35 6.93
CA ILE C 213 -5.74 22.65 6.92
C ILE C 213 -4.88 22.80 8.18
N GLU C 214 -5.36 22.27 9.30
CA GLU C 214 -4.61 22.36 10.53
C GLU C 214 -3.38 21.50 10.45
N CYS C 215 -3.50 20.27 9.94
CA CYS C 215 -2.28 19.44 9.80
C CYS C 215 -1.27 20.13 8.87
N LEU C 216 -1.76 20.63 7.74
CA LEU C 216 -0.96 21.43 6.80
C LEU C 216 -0.13 22.51 7.46
N ARG C 217 -0.75 23.29 8.33
CA ARG C 217 -0.09 24.44 8.90
C ARG C 217 0.95 24.01 9.87
N GLN C 218 0.72 22.89 10.55
CA GLN C 218 1.72 22.35 11.45
C GLN C 218 2.87 21.68 10.68
N LEU C 219 2.54 20.94 9.61
CA LEU C 219 3.55 20.35 8.72
C LEU C 219 4.39 21.42 8.03
N ALA C 220 3.75 22.52 7.62
CA ALA C 220 4.48 23.64 7.03
C ALA C 220 5.51 24.26 8.04
N ALA C 221 5.23 24.18 9.33
CA ALA C 221 6.19 24.70 10.33
C ALA C 221 7.43 23.80 10.45
N VAL C 222 7.20 22.48 10.42
CA VAL C 222 8.27 21.48 10.34
C VAL C 222 9.08 21.49 9.00
N ALA C 223 8.42 21.67 7.86
CA ALA C 223 9.08 21.46 6.57
C ALA C 223 8.60 22.45 5.55
N PRO C 224 8.93 23.72 5.75
CA PRO C 224 8.31 24.75 4.92
C PRO C 224 8.42 24.49 3.40
N ALA C 225 9.54 23.92 2.97
CA ALA C 225 9.77 23.77 1.52
C ALA C 225 8.91 22.64 0.91
N VAL C 226 8.63 21.59 1.69
CA VAL C 226 7.80 20.50 1.23
C VAL C 226 6.32 20.86 1.07
N PHE C 227 5.84 21.85 1.83
CA PHE C 227 4.40 22.17 1.83
C PHE C 227 4.04 23.54 1.29
N ALA C 228 5.07 24.30 0.91
CA ALA C 228 4.95 25.72 0.49
C ALA C 228 4.08 25.96 -0.73
N ASP C 229 4.07 24.99 -1.64
CA ASP C 229 3.17 25.07 -2.79
C ASP C 229 1.69 25.08 -2.41
N PHE C 230 1.35 24.85 -1.13
CA PHE C 230 -0.07 24.93 -0.73
C PHE C 230 -0.48 26.33 -0.29
N GLU C 231 -1.63 26.80 -0.75
CA GLU C 231 -2.14 28.12 -0.36
C GLU C 231 -3.54 27.99 0.29
N VAL C 232 -3.64 28.48 1.53
CA VAL C 232 -4.91 28.50 2.23
C VAL C 232 -5.69 29.70 1.72
N THR C 233 -6.96 29.50 1.40
CA THR C 233 -7.72 30.51 0.70
C THR C 233 -9.16 30.41 1.11
N THR C 234 -9.80 31.58 1.23
CA THR C 234 -11.13 31.67 1.83
C THR C 234 -12.20 31.52 0.76
N LEU C 235 -13.40 31.08 1.20
CA LEU C 235 -14.57 30.87 0.32
C LEU C 235 -15.71 31.85 0.58
N ALA C 236 -16.50 32.08 -0.47
CA ALA C 236 -17.80 32.75 -0.40
C ALA C 236 -18.53 32.61 0.96
N ASP C 237 -18.49 31.40 1.53
CA ASP C 237 -19.25 31.06 2.75
C ASP C 237 -18.42 31.13 4.05
N GLY C 238 -17.23 31.74 3.99
CA GLY C 238 -16.40 31.94 5.18
C GLY C 238 -15.45 30.79 5.48
N THR C 239 -15.67 29.64 4.85
CA THR C 239 -14.79 28.50 5.05
C THR C 239 -13.56 28.53 4.13
N GLU C 240 -12.60 27.68 4.46
CA GLU C 240 -11.29 27.69 3.78
C GLU C 240 -11.09 26.48 2.92
N VAL C 241 -10.22 26.66 1.93
CA VAL C 241 -9.67 25.56 1.16
C VAL C 241 -8.16 25.72 1.17
N ALA C 242 -7.48 24.61 0.93
CA ALA C 242 -6.04 24.62 0.69
C ALA C 242 -5.87 23.87 -0.61
N THR C 243 -5.24 24.50 -1.58
CA THR C 243 -4.99 23.90 -2.88
C THR C 243 -3.59 24.23 -3.31
N SER C 244 -3.10 23.41 -4.25
CA SER C 244 -1.80 23.58 -4.87
C SER C 244 -1.90 23.48 -6.39
N PRO C 245 -1.13 24.29 -7.13
CA PRO C 245 -1.10 24.00 -8.58
C PRO C 245 -0.44 22.64 -8.95
N LEU C 246 0.01 21.87 -7.95
CA LEU C 246 0.73 20.60 -8.14
C LEU C 246 0.19 19.45 -7.28
N ALA D 2 24.13 -14.67 -28.96
CA ALA D 2 22.95 -14.33 -28.12
C ALA D 2 21.71 -14.18 -28.97
N GLU D 3 20.60 -14.79 -28.55
CA GLU D 3 19.33 -14.47 -29.20
C GLU D 3 18.89 -13.12 -28.62
N THR D 4 18.15 -12.36 -29.42
CA THR D 4 17.61 -11.10 -28.98
C THR D 4 16.08 -11.15 -29.00
N ALA D 5 15.49 -11.02 -27.81
CA ALA D 5 14.05 -11.07 -27.59
C ALA D 5 13.40 -9.74 -27.90
N PRO D 6 12.30 -9.75 -28.65
CA PRO D 6 11.50 -8.57 -28.80
C PRO D 6 10.51 -8.46 -27.64
N LEU D 7 10.17 -7.23 -27.24
CA LEU D 7 9.11 -6.98 -26.28
C LEU D 7 7.85 -7.67 -26.78
N ARG D 8 7.16 -8.36 -25.87
CA ARG D 8 5.87 -8.96 -26.15
C ARG D 8 4.99 -8.85 -24.90
N VAL D 9 3.81 -8.22 -25.07
CA VAL D 9 2.82 -8.03 -23.99
C VAL D 9 1.45 -8.69 -24.31
N GLN D 10 1.09 -9.70 -23.53
CA GLN D 10 -0.18 -10.42 -23.76
C GLN D 10 -1.19 -10.26 -22.62
N LEU D 11 -2.38 -9.78 -22.98
CA LEU D 11 -3.43 -9.61 -22.00
C LEU D 11 -3.91 -10.99 -21.62
N ILE D 12 -3.67 -11.41 -20.38
CA ILE D 12 -4.08 -12.72 -19.87
C ILE D 12 -5.20 -12.73 -18.79
N ALA D 13 -5.70 -11.55 -18.41
CA ALA D 13 -6.73 -11.41 -17.38
C ALA D 13 -7.45 -10.04 -17.37
N LYS D 14 -8.76 -10.10 -17.22
CA LYS D 14 -9.59 -8.92 -17.10
C LYS D 14 -10.73 -9.26 -16.14
N THR D 15 -11.65 -8.34 -15.97
CA THR D 15 -12.60 -8.51 -14.91
C THR D 15 -13.91 -8.98 -15.53
N ASP D 16 -14.52 -9.96 -14.86
CA ASP D 16 -15.82 -10.45 -15.23
C ASP D 16 -16.83 -9.85 -14.23
N PHE D 17 -17.77 -9.08 -14.77
CA PHE D 17 -18.80 -8.35 -14.04
C PHE D 17 -20.20 -8.94 -14.16
N LEU D 18 -20.89 -9.00 -13.02
CA LEU D 18 -22.11 -9.72 -12.84
C LEU D 18 -23.10 -8.80 -12.09
N ALA D 19 -23.89 -8.04 -12.83
CA ALA D 19 -24.78 -7.07 -12.23
C ALA D 19 -25.68 -7.73 -11.20
N PRO D 20 -25.82 -7.10 -10.03
CA PRO D 20 -26.73 -7.70 -9.05
C PRO D 20 -28.19 -7.38 -9.40
N PRO D 21 -29.02 -8.41 -9.59
CA PRO D 21 -30.38 -8.36 -10.18
C PRO D 21 -31.45 -7.60 -9.35
N ASP D 22 -31.23 -7.45 -8.03
CA ASP D 22 -32.12 -6.62 -7.25
C ASP D 22 -31.71 -5.14 -7.26
N VAL D 23 -30.87 -4.70 -8.20
CA VAL D 23 -30.57 -3.28 -8.34
C VAL D 23 -31.18 -2.75 -9.65
N PRO D 24 -32.03 -1.72 -9.56
CA PRO D 24 -32.66 -1.23 -10.80
C PRO D 24 -31.73 -0.37 -11.65
N TRP D 25 -30.75 -1.01 -12.29
CA TRP D 25 -29.83 -0.31 -13.20
C TRP D 25 -29.25 -1.22 -14.26
N THR D 26 -28.88 -0.61 -15.37
CA THR D 26 -28.28 -1.32 -16.50
C THR D 26 -27.47 -0.32 -17.27
N THR D 27 -26.57 -0.80 -18.11
CA THR D 27 -25.73 0.12 -18.85
C THR D 27 -25.20 -0.49 -20.15
N ASP D 28 -24.77 0.36 -21.07
CA ASP D 28 -24.31 -0.11 -22.36
C ASP D 28 -22.88 -0.61 -22.32
N ALA D 29 -22.59 -1.57 -21.45
CA ALA D 29 -21.20 -2.10 -21.32
C ALA D 29 -21.12 -3.32 -20.43
N ASP D 30 -20.01 -4.05 -20.49
CA ASP D 30 -19.80 -5.16 -19.56
C ASP D 30 -18.38 -5.11 -18.97
N GLY D 31 -17.98 -6.15 -18.24
CA GLY D 31 -16.64 -6.18 -17.65
C GLY D 31 -16.27 -4.95 -16.79
N GLY D 32 -14.96 -4.72 -16.69
CA GLY D 32 -14.36 -3.63 -15.93
C GLY D 32 -15.14 -2.35 -16.02
N PRO D 33 -15.34 -1.83 -17.24
CA PRO D 33 -16.02 -0.55 -17.38
C PRO D 33 -17.39 -0.53 -16.72
N ALA D 34 -18.07 -1.67 -16.73
CA ALA D 34 -19.41 -1.77 -16.13
C ALA D 34 -19.37 -1.81 -14.57
N LEU D 35 -18.39 -2.56 -14.04
CA LEU D 35 -18.12 -2.60 -12.61
C LEU D 35 -17.83 -1.21 -12.07
N VAL D 36 -17.08 -0.41 -12.82
CA VAL D 36 -16.66 0.87 -12.32
C VAL D 36 -17.85 1.79 -12.21
N GLU D 37 -18.73 1.76 -13.21
CA GLU D 37 -19.91 2.62 -13.16
C GLU D 37 -20.76 2.20 -11.99
N PHE D 38 -20.93 0.91 -11.82
CA PHE D 38 -21.73 0.42 -10.72
C PHE D 38 -21.17 0.94 -9.37
N ALA D 39 -19.85 0.92 -9.23
CA ALA D 39 -19.18 1.28 -7.97
C ALA D 39 -19.37 2.76 -7.71
N GLY D 40 -19.29 3.54 -8.77
CA GLY D 40 -19.54 4.97 -8.72
C GLY D 40 -20.97 5.33 -8.39
N ARG D 41 -21.92 4.58 -8.93
CA ARG D 41 -23.34 4.87 -8.73
C ARG D 41 -23.79 4.35 -7.38
N ALA D 42 -23.14 3.28 -6.90
CA ALA D 42 -23.44 2.79 -5.57
C ALA D 42 -23.16 3.87 -4.51
N CYS D 43 -22.15 4.71 -4.73
CA CYS D 43 -21.81 5.80 -3.79
C CYS D 43 -22.93 6.82 -3.54
N TYR D 44 -23.68 7.15 -4.59
CA TYR D 44 -24.78 8.08 -4.52
C TYR D 44 -26.13 7.34 -4.65
N GLN D 45 -26.11 6.01 -4.69
CA GLN D 45 -27.35 5.25 -5.00
C GLN D 45 -28.11 5.87 -6.18
N SER D 46 -27.36 6.16 -7.24
CA SER D 46 -27.87 6.94 -8.33
C SER D 46 -28.20 6.00 -9.47
N TRP D 47 -29.14 5.10 -9.27
CA TRP D 47 -29.31 3.96 -10.18
C TRP D 47 -30.10 4.36 -11.41
N SER D 48 -31.20 5.09 -11.24
CA SER D 48 -31.87 5.69 -12.38
C SER D 48 -30.83 6.66 -12.90
N LYS D 49 -30.96 7.15 -14.12
CA LYS D 49 -29.85 7.97 -14.60
C LYS D 49 -30.36 9.32 -15.05
N PRO D 50 -30.53 10.23 -14.08
CA PRO D 50 -31.14 11.56 -14.34
C PRO D 50 -30.46 12.34 -15.48
N ASN D 51 -29.15 12.59 -15.35
CA ASN D 51 -28.42 13.37 -16.35
C ASN D 51 -28.20 12.56 -17.61
N PRO D 52 -28.61 13.12 -18.76
CA PRO D 52 -28.34 12.49 -20.06
C PRO D 52 -26.85 12.51 -20.48
N LYS D 53 -26.12 13.55 -20.08
CA LYS D 53 -24.70 13.66 -20.40
C LYS D 53 -23.89 12.47 -19.88
N THR D 54 -24.30 11.89 -18.74
CA THR D 54 -23.60 10.73 -18.17
C THR D 54 -24.47 9.48 -18.12
N ALA D 55 -25.43 9.38 -19.03
CA ALA D 55 -26.39 8.28 -19.06
C ALA D 55 -25.88 7.05 -19.82
N THR D 56 -24.72 7.21 -20.46
CA THR D 56 -23.98 6.12 -21.10
C THR D 56 -22.77 5.74 -20.23
N ASN D 57 -22.27 4.52 -20.40
CA ASN D 57 -21.14 4.09 -19.63
C ASN D 57 -19.95 5.01 -19.82
N ALA D 58 -19.64 5.29 -21.08
CA ALA D 58 -18.52 6.19 -21.41
C ALA D 58 -18.72 7.62 -20.88
N GLY D 59 -19.92 8.14 -20.96
CA GLY D 59 -20.19 9.48 -20.43
C GLY D 59 -19.98 9.51 -18.93
N TYR D 60 -20.39 8.42 -18.27
CA TYR D 60 -20.20 8.29 -16.83
C TYR D 60 -18.74 8.17 -16.46
N LEU D 61 -18.00 7.30 -17.13
CA LEU D 61 -16.58 7.14 -16.82
C LEU D 61 -15.78 8.42 -17.06
N ARG D 62 -16.02 9.10 -18.17
CA ARG D 62 -15.32 10.33 -18.49
C ARG D 62 -15.54 11.32 -17.36
N HIS D 63 -16.74 11.32 -16.80
CA HIS D 63 -17.09 12.25 -15.76
C HIS D 63 -16.42 11.87 -14.42
N ILE D 64 -16.22 10.58 -14.18
CA ILE D 64 -15.49 10.11 -13.03
C ILE D 64 -14.04 10.62 -13.05
N ILE D 65 -13.40 10.50 -14.20
CA ILE D 65 -12.07 11.02 -14.36
C ILE D 65 -12.01 12.53 -14.17
N ASP D 66 -12.88 13.30 -14.82
CA ASP D 66 -12.79 14.76 -14.75
C ASP D 66 -12.95 15.31 -13.34
N VAL D 67 -13.80 14.66 -12.56
CA VAL D 67 -14.01 15.01 -11.19
C VAL D 67 -12.90 14.44 -10.27
N GLY D 68 -12.08 13.51 -10.77
CA GLY D 68 -10.93 12.94 -10.03
C GLY D 68 -11.26 11.90 -9.00
N HIS D 69 -12.44 11.29 -9.13
CA HIS D 69 -12.84 10.19 -8.27
C HIS D 69 -12.19 8.88 -8.74
N PHE D 70 -10.89 8.72 -8.50
CA PHE D 70 -10.13 7.56 -9.01
C PHE D 70 -10.30 6.26 -8.18
N SER D 71 -10.76 6.38 -6.94
CA SER D 71 -11.03 5.22 -6.09
C SER D 71 -11.80 4.14 -6.87
N VAL D 72 -12.75 4.60 -7.65
CA VAL D 72 -13.74 3.74 -8.25
C VAL D 72 -13.11 2.93 -9.39
N LEU D 73 -12.03 3.45 -10.00
CA LEU D 73 -11.30 2.74 -11.02
C LEU D 73 -10.59 1.55 -10.45
N GLU D 74 -10.44 1.50 -9.12
CA GLU D 74 -9.70 0.43 -8.52
C GLU D 74 -10.42 -0.94 -8.52
N HIS D 75 -11.71 -0.97 -8.84
CA HIS D 75 -12.44 -2.24 -8.73
C HIS D 75 -12.06 -3.24 -9.86
N ALA D 76 -11.66 -2.71 -11.00
CA ALA D 76 -11.37 -3.50 -12.20
C ALA D 76 -9.88 -3.60 -12.41
N SER D 77 -9.41 -4.77 -12.84
CA SER D 77 -8.00 -4.94 -13.17
C SER D 77 -7.73 -5.79 -14.40
N VAL D 78 -6.49 -5.70 -14.84
CA VAL D 78 -6.00 -6.35 -16.02
C VAL D 78 -4.67 -6.96 -15.68
N SER D 79 -4.44 -8.21 -16.10
CA SER D 79 -3.13 -8.88 -15.94
C SER D 79 -2.47 -9.08 -17.30
N PHE D 80 -1.16 -8.90 -17.34
CA PHE D 80 -0.40 -9.09 -18.55
C PHE D 80 0.69 -10.07 -18.24
N TYR D 81 1.07 -10.86 -19.24
CA TYR D 81 2.31 -11.62 -19.20
C TYR D 81 3.24 -10.92 -20.17
N ILE D 82 4.41 -10.52 -19.69
CA ILE D 82 5.32 -9.72 -20.49
C ILE D 82 6.63 -10.44 -20.58
N THR D 83 7.11 -10.59 -21.82
CA THR D 83 8.41 -11.18 -22.09
C THR D 83 9.17 -10.24 -22.98
N GLY D 84 10.46 -10.51 -23.13
CA GLY D 84 11.29 -9.67 -23.94
C GLY D 84 11.49 -8.34 -23.25
N ILE D 85 11.66 -8.38 -21.92
CA ILE D 85 11.86 -7.19 -21.10
C ILE D 85 13.11 -7.46 -20.34
N SER D 86 14.01 -6.49 -20.28
CA SER D 86 15.24 -6.67 -19.56
C SER D 86 15.00 -6.70 -18.06
N ARG D 87 16.01 -7.21 -17.38
CA ARG D 87 16.16 -7.14 -15.97
C ARG D 87 16.29 -5.69 -15.49
N SER D 88 16.99 -4.84 -16.24
CA SER D 88 17.10 -3.45 -15.84
C SER D 88 15.69 -2.85 -15.88
N CYS D 89 14.89 -3.26 -16.86
CA CYS D 89 13.56 -2.67 -17.03
C CYS D 89 12.59 -3.08 -15.90
N THR D 90 12.57 -4.36 -15.57
CA THR D 90 11.69 -4.88 -14.52
C THR D 90 12.12 -4.35 -13.18
N HIS D 91 13.42 -4.11 -13.02
CA HIS D 91 13.95 -3.46 -11.85
C HIS D 91 13.42 -2.02 -11.71
N GLU D 92 13.13 -1.34 -12.83
CA GLU D 92 12.37 -0.10 -12.74
C GLU D 92 10.89 -0.36 -12.49
N LEU D 93 10.34 -1.39 -13.12
CA LEU D 93 8.92 -1.68 -13.03
C LEU D 93 8.45 -2.00 -11.61
N ILE D 94 9.23 -2.76 -10.85
CA ILE D 94 8.76 -3.22 -9.55
C ILE D 94 8.87 -2.12 -8.49
N ARG D 95 9.42 -0.97 -8.88
CA ARG D 95 9.25 0.21 -8.03
C ARG D 95 7.80 0.60 -7.89
N HIS D 96 6.91 0.07 -8.73
CA HIS D 96 5.50 0.37 -8.58
C HIS D 96 4.82 -0.62 -7.64
N ARG D 97 4.42 -0.07 -6.49
CA ARG D 97 3.96 -0.83 -5.34
C ARG D 97 2.47 -1.20 -5.33
N HIS D 98 1.72 -0.66 -6.25
CA HIS D 98 0.30 -0.99 -6.31
C HIS D 98 0.01 -1.94 -7.47
N PHE D 99 0.98 -2.80 -7.72
CA PHE D 99 0.94 -3.83 -8.73
C PHE D 99 1.27 -5.14 -8.06
N SER D 100 0.84 -6.25 -8.62
CA SER D 100 1.28 -7.55 -8.15
C SER D 100 2.14 -8.18 -9.24
N TYR D 101 3.22 -8.82 -8.81
CA TYR D 101 4.24 -9.34 -9.69
C TYR D 101 4.50 -10.81 -9.42
N SER D 102 4.72 -11.56 -10.48
CA SER D 102 5.36 -12.89 -10.39
C SER D 102 6.37 -12.98 -11.49
N GLN D 103 7.65 -12.95 -11.12
CA GLN D 103 8.75 -12.81 -12.07
C GLN D 103 9.52 -14.14 -12.12
N LEU D 104 10.05 -14.45 -13.31
CA LEU D 104 10.97 -15.56 -13.54
C LEU D 104 12.17 -15.37 -12.66
N SER D 105 12.51 -16.37 -11.87
CA SER D 105 13.59 -16.23 -10.90
C SER D 105 14.89 -16.72 -11.51
N GLN D 106 16.01 -16.14 -11.07
CA GLN D 106 17.31 -16.52 -11.60
C GLN D 106 17.95 -17.57 -10.71
N ARG D 107 17.50 -17.60 -9.45
CA ARG D 107 17.90 -18.64 -8.47
C ARG D 107 17.36 -20.05 -8.81
N TYR D 108 16.48 -20.18 -9.81
CA TYR D 108 15.69 -21.40 -10.04
C TYR D 108 15.58 -21.84 -11.53
N VAL D 109 15.75 -20.91 -12.47
CA VAL D 109 15.49 -21.17 -13.89
C VAL D 109 16.82 -21.10 -14.66
N PRO D 110 16.95 -21.91 -15.75
CA PRO D 110 18.24 -22.03 -16.43
C PRO D 110 18.63 -20.79 -17.25
N GLU D 111 19.67 -20.09 -16.79
CA GLU D 111 20.17 -18.90 -17.49
C GLU D 111 21.32 -19.22 -18.45
N LYS D 112 21.60 -20.52 -18.68
CA LYS D 112 22.70 -20.98 -19.57
C LYS D 112 22.59 -20.43 -20.99
N ASP D 113 21.38 -20.38 -21.55
CA ASP D 113 21.18 -19.79 -22.88
C ASP D 113 20.13 -18.65 -22.85
N SER D 114 20.19 -17.79 -21.84
CA SER D 114 19.29 -16.64 -21.77
C SER D 114 19.47 -15.64 -22.95
N ARG D 115 18.32 -15.25 -23.51
CA ARG D 115 18.25 -14.21 -24.51
C ARG D 115 18.52 -12.84 -23.84
N VAL D 116 18.79 -11.84 -24.65
CA VAL D 116 19.21 -10.53 -24.20
C VAL D 116 18.22 -9.57 -24.82
N VAL D 117 17.95 -8.44 -24.16
CA VAL D 117 17.09 -7.41 -24.75
C VAL D 117 17.95 -6.25 -25.16
N VAL D 118 17.78 -5.79 -26.39
CA VAL D 118 18.61 -4.72 -26.91
C VAL D 118 17.97 -3.41 -26.44
N PRO D 119 18.74 -2.56 -25.76
CA PRO D 119 18.21 -1.27 -25.38
C PRO D 119 17.78 -0.56 -26.65
N PRO D 120 16.61 0.12 -26.61
CA PRO D 120 16.12 0.87 -27.76
C PRO D 120 17.11 1.87 -28.35
N GLY D 121 17.97 2.44 -27.50
CA GLY D 121 19.01 3.31 -28.00
C GLY D 121 20.03 2.71 -28.96
N MET D 122 20.16 1.40 -28.99
CA MET D 122 21.13 0.80 -29.91
C MET D 122 20.51 -0.20 -30.89
N GLU D 123 19.20 -0.34 -30.81
CA GLU D 123 18.41 -1.22 -31.68
C GLU D 123 18.68 -1.17 -33.18
N ASP D 124 19.07 0.00 -33.70
CA ASP D 124 19.15 0.19 -35.16
C ASP D 124 20.60 0.27 -35.67
N ASP D 125 21.55 -0.06 -34.81
CA ASP D 125 22.96 0.04 -35.14
C ASP D 125 23.65 -1.35 -35.02
N ALA D 126 23.94 -1.99 -36.15
CA ALA D 126 24.59 -3.34 -36.10
C ALA D 126 25.87 -3.35 -35.27
N ASP D 127 26.71 -2.33 -35.41
CA ASP D 127 27.93 -2.27 -34.58
C ASP D 127 27.66 -2.33 -33.09
N LEU D 128 26.71 -1.55 -32.59
CA LEU D 128 26.45 -1.54 -31.15
C LEU D 128 25.75 -2.82 -30.69
N ARG D 129 24.83 -3.33 -31.49
CA ARG D 129 24.14 -4.56 -31.11
C ARG D 129 25.16 -5.67 -30.93
N HIS D 130 26.09 -5.76 -31.88
CA HIS D 130 27.08 -6.79 -31.86
C HIS D 130 27.95 -6.71 -30.64
N ILE D 131 28.29 -5.48 -30.22
CA ILE D 131 29.10 -5.33 -29.02
C ILE D 131 28.32 -5.91 -27.84
N LEU D 132 27.03 -5.58 -27.74
CA LEU D 132 26.21 -6.05 -26.64
C LEU D 132 26.16 -7.59 -26.63
N THR D 133 25.79 -8.16 -27.77
CA THR D 133 25.53 -9.60 -27.84
C THR D 133 26.78 -10.42 -27.68
N GLU D 134 27.93 -9.84 -27.99
CA GLU D 134 29.19 -10.52 -27.79
C GLU D 134 29.60 -10.42 -26.35
N ALA D 135 29.37 -9.27 -25.72
CA ALA D 135 29.57 -9.16 -24.25
C ALA D 135 28.61 -10.13 -23.52
N ALA D 136 27.41 -10.28 -24.04
CA ALA D 136 26.49 -11.21 -23.45
C ALA D 136 27.05 -12.64 -23.57
N ASP D 137 27.38 -13.07 -24.80
CA ASP D 137 27.94 -14.43 -25.02
C ASP D 137 29.06 -14.69 -24.02
N ALA D 138 29.97 -13.74 -23.91
CA ALA D 138 31.09 -13.83 -22.98
C ALA D 138 30.54 -14.14 -21.62
N ALA D 139 29.60 -13.32 -21.19
CA ALA D 139 29.04 -13.38 -19.87
C ALA D 139 28.43 -14.75 -19.57
N ARG D 140 27.75 -15.34 -20.54
CA ARG D 140 27.14 -16.66 -20.36
C ARG D 140 28.19 -17.76 -20.32
N ALA D 141 29.32 -17.49 -20.99
CA ALA D 141 30.49 -18.34 -20.91
C ALA D 141 31.01 -18.26 -19.49
N THR D 142 31.22 -17.04 -18.97
CA THR D 142 31.74 -16.89 -17.61
C THR D 142 30.83 -17.42 -16.51
N TYR D 143 29.58 -17.68 -16.88
CA TYR D 143 28.55 -18.09 -15.96
C TYR D 143 28.58 -19.59 -15.80
N SER D 144 28.77 -20.30 -16.91
CA SER D 144 29.07 -21.73 -16.89
C SER D 144 30.32 -22.04 -16.07
N GLU D 145 31.44 -21.40 -16.42
CA GLU D 145 32.68 -21.53 -15.62
C GLU D 145 32.32 -21.44 -14.13
N LEU D 146 31.52 -20.44 -13.77
CA LEU D 146 31.18 -20.21 -12.35
C LEU D 146 30.19 -21.23 -11.79
N LEU D 147 29.18 -21.57 -12.59
CA LEU D 147 28.19 -22.55 -12.20
C LEU D 147 28.81 -23.94 -11.94
N ALA D 148 29.36 -24.56 -13.00
CA ALA D 148 29.95 -25.90 -12.92
C ALA D 148 30.99 -25.95 -11.81
N LYS D 149 31.85 -24.93 -11.69
CA LYS D 149 32.83 -24.86 -10.59
C LYS D 149 32.20 -24.62 -9.21
N LEU D 150 31.01 -24.03 -9.17
CA LEU D 150 30.34 -23.74 -7.90
C LEU D 150 29.65 -24.99 -7.34
N GLU D 151 29.03 -25.80 -8.23
CA GLU D 151 28.40 -27.05 -7.81
C GLU D 151 29.49 -27.91 -7.13
N ALA D 152 30.68 -27.92 -7.71
CA ALA D 152 31.83 -28.64 -7.20
C ALA D 152 32.26 -28.20 -5.80
N LYS D 153 32.28 -26.90 -5.52
CA LYS D 153 32.62 -26.42 -4.18
C LYS D 153 31.56 -26.80 -3.14
N PHE D 154 30.40 -27.23 -3.63
CA PHE D 154 29.32 -27.70 -2.80
C PHE D 154 28.98 -29.16 -3.14
N ALA D 155 29.99 -30.00 -3.35
CA ALA D 155 29.77 -31.46 -3.43
C ALA D 155 29.40 -31.99 -2.03
N ASP D 156 30.09 -31.48 -1.00
CA ASP D 156 29.82 -31.85 0.41
C ASP D 156 28.35 -31.74 0.87
N GLN D 157 27.54 -30.94 0.17
CA GLN D 157 26.09 -30.80 0.46
C GLN D 157 25.30 -31.85 -0.33
N PRO D 158 24.56 -32.73 0.38
CA PRO D 158 23.84 -33.84 -0.27
C PRO D 158 22.55 -33.45 -0.98
N ASN D 159 21.90 -32.39 -0.50
CA ASN D 159 20.65 -31.94 -1.09
C ASN D 159 20.97 -31.36 -2.47
N ALA D 160 20.47 -32.00 -3.53
CA ALA D 160 20.89 -31.68 -4.90
C ALA D 160 20.24 -30.40 -5.40
N ILE D 161 18.91 -30.34 -5.29
CA ILE D 161 18.16 -29.22 -5.87
C ILE D 161 18.49 -27.95 -5.10
N LEU D 162 18.82 -28.09 -3.82
CA LEU D 162 19.37 -27.00 -3.03
C LEU D 162 20.71 -26.60 -3.61
N ARG D 163 21.61 -27.57 -3.69
CA ARG D 163 22.98 -27.37 -4.19
C ARG D 163 23.00 -26.60 -5.52
N ARG D 164 22.13 -26.98 -6.46
CA ARG D 164 22.01 -26.28 -7.74
C ARG D 164 21.64 -24.83 -7.43
N LYS D 165 20.51 -24.62 -6.77
CA LYS D 165 20.08 -23.27 -6.33
C LYS D 165 21.22 -22.46 -5.71
N GLN D 166 21.98 -23.07 -4.80
CA GLN D 166 23.05 -22.34 -4.08
C GLN D 166 24.16 -21.87 -5.01
N ALA D 167 24.28 -22.54 -6.17
CA ALA D 167 25.35 -22.31 -7.14
C ALA D 167 24.94 -21.25 -8.15
N ARG D 168 23.70 -21.33 -8.63
CA ARG D 168 23.12 -20.27 -9.45
C ARG D 168 23.11 -18.93 -8.72
N GLN D 169 22.68 -18.94 -7.47
CA GLN D 169 22.43 -17.71 -6.76
C GLN D 169 23.72 -16.90 -6.69
N ALA D 170 24.87 -17.58 -6.66
CA ALA D 170 26.16 -16.89 -6.71
C ALA D 170 26.63 -16.74 -8.16
N ALA D 171 26.21 -17.65 -9.03
CA ALA D 171 26.68 -17.64 -10.41
C ALA D 171 26.07 -16.53 -11.29
N ARG D 172 24.83 -16.13 -10.98
CA ARG D 172 24.16 -15.09 -11.77
C ARG D 172 24.75 -13.70 -11.50
N ALA D 173 25.64 -13.58 -10.53
CA ALA D 173 26.37 -12.36 -10.30
C ALA D 173 26.88 -11.70 -11.60
N VAL D 174 27.29 -12.52 -12.56
CA VAL D 174 27.98 -12.05 -13.77
C VAL D 174 27.03 -11.86 -14.92
N LEU D 175 25.77 -12.24 -14.73
CA LEU D 175 24.80 -11.99 -15.78
C LEU D 175 24.52 -10.49 -15.87
N PRO D 176 24.27 -9.99 -17.08
CA PRO D 176 24.08 -8.54 -17.33
C PRO D 176 22.66 -8.02 -17.33
N ASN D 177 22.56 -6.72 -17.01
CA ASN D 177 21.31 -6.00 -17.03
C ASN D 177 20.40 -6.31 -18.22
N ALA D 178 20.98 -6.51 -19.41
CA ALA D 178 20.18 -6.80 -20.64
C ALA D 178 19.47 -8.18 -20.73
N THR D 179 19.86 -9.11 -19.84
CA THR D 179 19.36 -10.46 -19.79
C THR D 179 17.86 -10.41 -19.72
N GLU D 180 17.19 -11.15 -20.60
CA GLU D 180 15.73 -11.22 -20.65
C GLU D 180 15.16 -11.77 -19.37
N THR D 181 13.96 -11.31 -19.01
CA THR D 181 13.21 -11.90 -17.90
C THR D 181 11.80 -11.95 -18.41
N ARG D 182 10.88 -12.46 -17.60
CA ARG D 182 9.45 -12.57 -17.97
C ARG D 182 8.67 -12.40 -16.70
N ILE D 183 7.50 -11.82 -16.78
CA ILE D 183 6.82 -11.42 -15.56
C ILE D 183 5.36 -11.32 -15.81
N VAL D 184 4.58 -11.77 -14.84
CA VAL D 184 3.17 -11.47 -14.84
C VAL D 184 2.97 -10.26 -13.95
N VAL D 185 2.25 -9.29 -14.47
CA VAL D 185 1.99 -8.02 -13.80
C VAL D 185 0.51 -7.80 -13.78
N THR D 186 -0.05 -7.63 -12.57
CA THR D 186 -1.49 -7.34 -12.43
C THR D 186 -1.59 -6.02 -11.72
N GLY D 187 -2.49 -5.16 -12.20
CA GLY D 187 -2.89 -3.94 -11.46
C GLY D 187 -4.31 -3.51 -11.81
N ASN D 188 -4.90 -2.68 -10.94
CA ASN D 188 -6.21 -2.11 -11.25
C ASN D 188 -6.09 -0.90 -12.17
N TYR D 189 -7.20 -0.40 -12.68
CA TYR D 189 -7.12 0.71 -13.65
C TYR D 189 -6.41 1.92 -13.10
N ARG D 190 -6.65 2.25 -11.83
CA ARG D 190 -5.98 3.39 -11.18
C ARG D 190 -4.50 3.15 -11.22
N ALA D 191 -4.07 1.98 -10.84
CA ALA D 191 -2.64 1.68 -10.80
C ALA D 191 -2.03 1.78 -12.19
N TRP D 192 -2.72 1.32 -13.23
CA TRP D 192 -2.22 1.41 -14.62
C TRP D 192 -2.06 2.84 -15.06
N ARG D 193 -3.03 3.67 -14.71
CA ARG D 193 -3.00 5.06 -15.16
C ARG D 193 -1.73 5.67 -14.61
N HIS D 194 -1.45 5.38 -13.34
CA HIS D 194 -0.30 5.96 -12.68
C HIS D 194 1.03 5.51 -13.28
N PHE D 195 1.12 4.23 -13.60
CA PHE D 195 2.33 3.72 -14.23
C PHE D 195 2.52 4.43 -15.53
N ILE D 196 1.43 4.67 -16.27
CA ILE D 196 1.57 5.21 -17.63
C ILE D 196 2.03 6.68 -17.51
N ALA D 197 1.42 7.41 -16.58
CA ALA D 197 1.78 8.81 -16.37
C ALA D 197 3.26 8.97 -15.98
N MET D 198 3.76 8.07 -15.12
CA MET D 198 5.17 8.08 -14.70
C MET D 198 6.14 7.56 -15.76
N ARG D 199 5.83 6.43 -16.37
CA ARG D 199 6.84 5.78 -17.22
C ARG D 199 6.71 6.05 -18.73
N ALA D 200 5.60 6.62 -19.18
CA ALA D 200 5.44 7.09 -20.58
C ALA D 200 5.90 8.53 -20.78
N SER D 201 6.55 9.10 -19.78
CA SER D 201 6.95 10.48 -19.85
C SER D 201 8.30 10.61 -20.52
N GLU D 202 8.63 11.82 -20.97
CA GLU D 202 9.88 12.05 -21.67
C GLU D 202 11.07 11.76 -20.74
N HIS D 203 10.86 11.92 -19.44
CA HIS D 203 11.91 11.73 -18.44
C HIS D 203 12.27 10.24 -18.16
N ALA D 204 11.38 9.31 -18.57
CA ALA D 204 11.61 7.89 -18.33
C ALA D 204 12.49 7.25 -19.40
N ASP D 205 13.25 6.26 -18.96
CA ASP D 205 14.05 5.40 -19.81
C ASP D 205 13.21 4.87 -20.96
N VAL D 206 13.76 4.87 -22.16
CA VAL D 206 13.03 4.44 -23.38
C VAL D 206 12.50 2.98 -23.34
N GLU D 207 13.19 2.08 -22.66
CA GLU D 207 12.70 0.71 -22.59
C GLU D 207 11.40 0.62 -21.78
N ILE D 208 11.37 1.18 -20.57
CA ILE D 208 10.12 1.18 -19.81
C ILE D 208 9.05 2.02 -20.50
N ARG D 209 9.50 3.03 -21.24
CA ARG D 209 8.57 3.92 -21.95
C ARG D 209 7.79 3.14 -23.03
N ARG D 210 8.55 2.37 -23.78
CA ARG D 210 7.96 1.49 -24.73
C ARG D 210 6.96 0.50 -24.08
N LEU D 211 7.35 -0.08 -22.95
CA LEU D 211 6.47 -0.99 -22.25
C LEU D 211 5.18 -0.27 -21.88
N ALA D 212 5.33 0.91 -21.28
CA ALA D 212 4.16 1.69 -20.83
C ALA D 212 3.20 2.08 -21.96
N ILE D 213 3.73 2.51 -23.11
CA ILE D 213 2.92 2.83 -24.29
C ILE D 213 2.16 1.60 -24.86
N GLU D 214 2.81 0.44 -24.81
CA GLU D 214 2.22 -0.82 -25.25
C GLU D 214 1.10 -1.27 -24.33
N CYS D 215 1.35 -1.24 -23.01
CA CYS D 215 0.28 -1.43 -22.03
C CYS D 215 -0.84 -0.39 -22.22
N LEU D 216 -0.52 0.87 -22.40
CA LEU D 216 -1.55 1.86 -22.66
C LEU D 216 -2.47 1.42 -23.83
N ARG D 217 -1.85 1.03 -24.95
CA ARG D 217 -2.59 0.48 -26.10
C ARG D 217 -3.54 -0.68 -25.78
N GLN D 218 -3.09 -1.67 -25.06
CA GLN D 218 -3.99 -2.79 -24.78
C GLN D 218 -5.08 -2.47 -23.76
N LEU D 219 -4.77 -1.61 -22.77
CA LEU D 219 -5.73 -1.14 -21.78
C LEU D 219 -6.82 -0.27 -22.42
N ALA D 220 -6.45 0.49 -23.45
CA ALA D 220 -7.37 1.43 -24.10
C ALA D 220 -8.40 0.67 -24.94
N ALA D 221 -8.06 -0.53 -25.34
CA ALA D 221 -8.97 -1.37 -26.09
C ALA D 221 -9.99 -1.95 -25.11
N VAL D 222 -9.52 -2.52 -23.99
CA VAL D 222 -10.39 -3.04 -22.94
C VAL D 222 -11.37 -1.98 -22.39
N ALA D 223 -10.86 -0.80 -22.06
CA ALA D 223 -11.61 0.22 -21.35
C ALA D 223 -11.31 1.64 -21.92
N PRO D 224 -11.76 1.91 -23.15
CA PRO D 224 -11.41 3.20 -23.80
C PRO D 224 -11.74 4.48 -23.01
N ALA D 225 -12.86 4.51 -22.31
CA ALA D 225 -13.24 5.72 -21.58
C ALA D 225 -12.24 5.94 -20.43
N VAL D 226 -11.78 4.83 -19.83
CA VAL D 226 -10.81 4.93 -18.74
C VAL D 226 -9.46 5.49 -19.17
N PHE D 227 -9.05 5.22 -20.41
CA PHE D 227 -7.73 5.67 -20.85
C PHE D 227 -7.70 6.75 -21.91
N ALA D 228 -8.85 7.32 -22.21
CA ALA D 228 -9.01 8.31 -23.29
C ALA D 228 -8.24 9.59 -23.08
N ASP D 229 -7.94 10.00 -21.86
CA ASP D 229 -7.24 11.28 -21.68
C ASP D 229 -5.78 11.23 -22.07
N PHE D 230 -5.23 10.02 -22.24
CA PHE D 230 -3.84 9.88 -22.62
C PHE D 230 -3.74 9.95 -24.15
N GLU D 231 -2.93 10.89 -24.65
CA GLU D 231 -2.57 10.90 -26.07
C GLU D 231 -1.11 10.56 -26.19
N VAL D 232 -0.81 9.70 -27.15
CA VAL D 232 0.57 9.45 -27.55
C VAL D 232 1.01 10.40 -28.66
N THR D 233 2.07 11.16 -28.38
CA THR D 233 2.61 12.15 -29.31
C THR D 233 4.07 11.74 -29.57
N THR D 234 4.79 12.48 -30.39
CA THR D 234 6.18 12.13 -30.68
C THR D 234 7.15 13.31 -30.49
N LEU D 235 8.23 13.05 -29.78
CA LEU D 235 9.22 14.08 -29.46
C LEU D 235 10.09 14.33 -30.69
N ALA D 236 10.84 15.42 -30.65
CA ALA D 236 11.71 15.75 -31.78
C ALA D 236 12.74 14.63 -32.10
N ASP D 237 13.17 13.85 -31.10
CA ASP D 237 14.13 12.75 -31.32
C ASP D 237 13.52 11.47 -31.96
N GLY D 238 12.20 11.43 -32.13
CA GLY D 238 11.52 10.24 -32.68
C GLY D 238 11.19 9.11 -31.70
N THR D 239 11.06 9.44 -30.44
CA THR D 239 10.60 8.47 -29.44
C THR D 239 9.24 8.92 -29.00
N GLU D 240 8.42 7.98 -28.59
CA GLU D 240 7.05 8.25 -28.15
C GLU D 240 6.98 8.59 -26.67
N VAL D 241 6.00 9.42 -26.33
CA VAL D 241 5.58 9.71 -24.96
C VAL D 241 4.07 9.55 -24.88
N ALA D 242 3.57 9.28 -23.70
CA ALA D 242 2.14 9.32 -23.48
C ALA D 242 1.92 10.23 -22.30
N THR D 243 1.07 11.23 -22.51
CA THR D 243 0.75 12.25 -21.54
C THR D 243 -0.76 12.46 -21.45
N SER D 244 -1.23 12.81 -20.24
CA SER D 244 -2.59 13.26 -20.04
C SER D 244 -2.56 14.61 -19.34
N PRO D 245 -3.57 15.46 -19.60
CA PRO D 245 -3.71 16.64 -18.71
C PRO D 245 -4.13 16.38 -17.22
N LEU D 246 -4.21 15.15 -16.73
CA LEU D 246 -4.63 14.91 -15.32
C LEU D 246 -3.59 14.18 -14.44
#